data_6T9E
#
_entry.id   6T9E
#
_cell.length_a   89.301
_cell.length_b   75.474
_cell.length_c   116.505
_cell.angle_alpha   90.000
_cell.angle_beta   110.584
_cell.angle_gamma   90.000
#
_symmetry.space_group_name_H-M   'P 1 21 1'
#
loop_
_entity.id
_entity.type
_entity.pdbx_description
1 polymer 'DutaFab mat VH chain'
2 polymer 'DutaFab mat VL chain'
3 polymer 'Platelet-derived growth factor subunit B'
#
loop_
_entity_poly.entity_id
_entity_poly.type
_entity_poly.pdbx_seq_one_letter_code
_entity_poly.pdbx_strand_id
1 'polypeptide(L)'
;DLQLVESGGGLVKPGGSLRLSCAADGWWFGYTDMSWVRQAPGKGLEWVGSISYKGGSTYYNTKFIGRFTISRDDDTNTLY
LQMNSLRAEDTAVYYCARDDGYFDTWGQGTLVTVSSASTKGPSVFPLAPSSKSTSGGTAALGCLVKDYFPEPVTVSWNSG
ALTSGVHTFPAVLQSSGLYSLSSVVTVPSSSLGTKTYICNVNHKPSNTKVDKKVEPKSCT
;
AAA,HHH
2 'polypeptide(L)'
;AIQMTQSPSSLSASVGDRVTITCHGSYWLSNYLAWYQQKPGKAPKLLIYDGKEREHGVPSRFSGSGSHEDYTLTISSLQP
EDFATYYCQQYRYHPYTFGQGTKLEIKRTVAAPSVFIFPPSDEQLKSGTASVVCLLNNFYPREAKVQWKVDNALQSGNSQ
ESVTEQDSKDSTYSLSSTLTLSKADYEKHKVYACEVTHQGLSSPVTKSFNRGEC
;
BBB,LLL
3 'polypeptide(L)'
;SLGSLTIAEPAMIAECKTRTEVFEISRRLIDRTNANFLVWPPCVEVQRCSGCCNNRNVQCRPTQVQLRPVQVRKIEIVRK
KPIFKKATVTLEDHLACKCETVAAARPVT
;
CCC,DDD
#
# COMPACT_ATOMS: atom_id res chain seq x y z
N ASP A 1 -22.64 -0.35 -14.54
CA ASP A 1 -24.09 -0.61 -14.50
C ASP A 1 -24.59 -0.64 -13.05
N LEU A 2 -25.90 -0.93 -12.90
CA LEU A 2 -26.59 -0.93 -11.62
C LEU A 2 -26.43 -2.31 -10.99
N GLN A 3 -26.31 -2.35 -9.65
CA GLN A 3 -26.08 -3.62 -8.99
C GLN A 3 -27.41 -4.16 -8.48
N LEU A 4 -27.50 -5.49 -8.42
CA LEU A 4 -28.57 -6.25 -7.77
C LEU A 4 -27.96 -7.55 -7.26
N VAL A 5 -28.38 -7.94 -6.06
CA VAL A 5 -27.88 -9.17 -5.47
C VAL A 5 -29.03 -9.91 -4.77
N GLU A 6 -29.36 -11.10 -5.29
CA GLU A 6 -30.39 -11.91 -4.68
C GLU A 6 -29.75 -12.79 -3.62
N SER A 7 -30.54 -13.01 -2.56
CA SER A 7 -30.21 -13.98 -1.55
C SER A 7 -31.52 -14.60 -1.10
N GLY A 8 -31.40 -15.59 -0.20
CA GLY A 8 -32.59 -16.15 0.43
C GLY A 8 -32.87 -17.55 -0.09
N GLY A 9 -32.08 -17.98 -1.08
CA GLY A 9 -32.29 -19.27 -1.70
C GLY A 9 -31.49 -20.35 -0.98
N GLY A 10 -31.66 -21.58 -1.43
CA GLY A 10 -30.93 -22.71 -0.86
C GLY A 10 -31.76 -23.98 -0.99
N LEU A 11 -31.73 -24.84 0.04
CA LEU A 11 -32.48 -26.09 0.10
C LEU A 11 -33.76 -25.93 0.93
N VAL A 12 -34.87 -26.52 0.47
CA VAL A 12 -36.20 -26.34 1.07
C VAL A 12 -36.98 -27.63 0.86
N LYS A 13 -37.54 -28.18 1.95
CA LYS A 13 -38.39 -29.37 1.90
C LYS A 13 -39.67 -29.07 1.12
N PRO A 14 -40.19 -30.05 0.35
CA PRO A 14 -41.43 -29.86 -0.41
C PRO A 14 -42.57 -29.42 0.50
N GLY A 15 -43.47 -28.58 -0.03
CA GLY A 15 -44.60 -28.02 0.70
C GLY A 15 -44.19 -26.80 1.54
N GLY A 16 -42.88 -26.65 1.72
CA GLY A 16 -42.30 -25.63 2.57
C GLY A 16 -42.56 -24.23 2.04
N SER A 17 -41.94 -23.24 2.68
CA SER A 17 -42.11 -21.86 2.31
C SER A 17 -40.73 -21.18 2.35
N LEU A 18 -40.59 -20.03 1.68
CA LEU A 18 -39.29 -19.37 1.56
C LEU A 18 -39.44 -17.92 1.12
N ARG A 19 -38.56 -17.06 1.65
CA ARG A 19 -38.52 -15.69 1.20
C ARG A 19 -37.18 -15.44 0.55
N LEU A 20 -37.26 -14.86 -0.65
CA LEU A 20 -36.10 -14.34 -1.33
C LEU A 20 -36.11 -12.83 -1.18
N SER A 21 -34.90 -12.32 -0.99
CA SER A 21 -34.66 -10.90 -1.03
C SER A 21 -33.70 -10.65 -2.18
N CYS A 22 -33.89 -9.48 -2.79
CA CYS A 22 -32.92 -9.01 -3.74
C CYS A 22 -32.58 -7.56 -3.42
N ALA A 23 -31.30 -7.34 -3.09
CA ALA A 23 -30.83 -6.03 -2.67
C ALA A 23 -30.15 -5.32 -3.84
N ALA A 24 -30.38 -4.00 -3.87
CA ALA A 24 -29.89 -3.11 -4.91
C ALA A 24 -29.01 -2.02 -4.30
N ASP A 25 -27.76 -1.88 -4.77
CA ASP A 25 -27.02 -0.65 -4.56
C ASP A 25 -27.90 0.52 -4.95
N GLY A 26 -27.90 1.60 -4.19
CA GLY A 26 -28.46 2.82 -4.74
C GLY A 26 -29.97 3.02 -4.63
N TRP A 27 -30.39 4.29 -4.46
CA TRP A 27 -31.77 4.67 -4.23
C TRP A 27 -32.54 4.66 -5.54
N TRP A 28 -31.86 4.39 -6.66
CA TRP A 28 -32.54 4.32 -7.95
C TRP A 28 -33.70 3.33 -7.90
N PHE A 29 -33.53 2.30 -7.07
CA PHE A 29 -34.46 1.20 -6.87
C PHE A 29 -35.86 1.72 -6.61
N GLY A 30 -35.96 2.86 -5.92
CA GLY A 30 -37.25 3.41 -5.54
C GLY A 30 -38.02 4.05 -6.71
N TYR A 31 -37.35 4.13 -7.87
CA TYR A 31 -37.89 4.91 -8.96
C TYR A 31 -38.22 4.02 -10.18
N THR A 32 -38.29 2.70 -9.95
CA THR A 32 -38.41 1.77 -11.06
C THR A 32 -39.36 0.62 -10.70
N ASP A 33 -40.00 0.03 -11.71
CA ASP A 33 -40.70 -1.22 -11.48
C ASP A 33 -39.65 -2.30 -11.35
N MET A 34 -40.01 -3.41 -10.72
CA MET A 34 -39.04 -4.48 -10.49
C MET A 34 -39.73 -5.81 -10.74
N SER A 35 -39.05 -6.69 -11.47
CA SER A 35 -39.62 -7.99 -11.78
C SER A 35 -38.74 -9.06 -11.16
N TRP A 36 -39.36 -10.22 -11.01
CA TRP A 36 -38.65 -11.46 -10.72
C TRP A 36 -38.84 -12.35 -11.94
N VAL A 37 -37.80 -13.10 -12.26
CA VAL A 37 -37.84 -14.04 -13.37
C VAL A 37 -37.16 -15.33 -12.90
N ARG A 38 -37.71 -16.48 -13.25
CA ARG A 38 -37.04 -17.71 -12.81
C ARG A 38 -36.58 -18.55 -14.01
N GLN A 39 -35.85 -19.62 -13.70
CA GLN A 39 -35.38 -20.51 -14.76
C GLN A 39 -34.83 -21.79 -14.17
N ALA A 40 -35.53 -22.90 -14.47
CA ALA A 40 -35.25 -24.22 -13.93
C ALA A 40 -33.96 -24.74 -14.55
N PRO A 41 -33.28 -25.74 -13.94
CA PRO A 41 -31.96 -26.17 -14.42
C PRO A 41 -32.09 -26.75 -15.83
N GLY A 42 -31.35 -26.17 -16.79
CA GLY A 42 -31.32 -26.58 -18.19
C GLY A 42 -32.64 -26.34 -18.94
N LYS A 43 -33.36 -25.27 -18.58
CA LYS A 43 -34.66 -24.91 -19.18
C LYS A 43 -34.74 -23.40 -19.44
N GLY A 44 -35.85 -22.95 -20.03
CA GLY A 44 -35.98 -21.58 -20.49
C GLY A 44 -36.36 -20.61 -19.37
N LEU A 45 -36.41 -19.32 -19.70
CA LEU A 45 -36.69 -18.25 -18.75
C LEU A 45 -38.19 -18.12 -18.59
N GLU A 46 -38.65 -17.80 -17.39
CA GLU A 46 -40.08 -17.74 -17.07
C GLU A 46 -40.31 -16.52 -16.18
N TRP A 47 -41.12 -15.55 -16.63
CA TRP A 47 -41.47 -14.40 -15.80
C TRP A 47 -42.26 -14.86 -14.59
N VAL A 48 -41.92 -14.31 -13.41
CA VAL A 48 -42.58 -14.67 -12.16
C VAL A 48 -43.59 -13.59 -11.82
N GLY A 49 -43.13 -12.34 -11.75
CA GLY A 49 -44.04 -11.24 -11.51
C GLY A 49 -43.30 -9.91 -11.42
N SER A 50 -44.06 -8.83 -11.23
CA SER A 50 -43.44 -7.52 -11.11
C SER A 50 -44.17 -6.70 -10.05
N ILE A 51 -43.59 -5.57 -9.67
CA ILE A 51 -44.24 -4.60 -8.78
C ILE A 51 -43.96 -3.19 -9.27
N SER A 52 -44.99 -2.35 -9.17
CA SER A 52 -44.99 -1.00 -9.70
C SER A 52 -44.11 -0.07 -8.88
N TYR A 53 -43.98 1.17 -9.38
CA TYR A 53 -43.02 2.16 -8.93
C TYR A 53 -43.22 2.46 -7.45
N LYS A 54 -44.45 2.84 -7.07
CA LYS A 54 -44.65 3.31 -5.71
C LYS A 54 -45.22 2.19 -4.85
N GLY A 55 -45.35 1.00 -5.43
CA GLY A 55 -46.05 -0.10 -4.78
C GLY A 55 -47.48 -0.19 -5.29
N GLY A 56 -47.90 0.85 -6.03
CA GLY A 56 -49.22 1.01 -6.64
C GLY A 56 -49.87 -0.32 -7.01
N SER A 57 -49.12 -1.20 -7.68
CA SER A 57 -49.67 -2.41 -8.27
C SER A 57 -48.69 -3.57 -8.18
N THR A 58 -49.25 -4.77 -8.24
CA THR A 58 -48.48 -6.01 -8.33
C THR A 58 -49.00 -6.79 -9.55
N TYR A 59 -48.13 -7.61 -10.17
CA TYR A 59 -48.51 -8.38 -11.34
C TYR A 59 -47.83 -9.73 -11.33
N TYR A 60 -48.59 -10.77 -11.69
CA TYR A 60 -48.10 -12.14 -11.56
C TYR A 60 -48.47 -12.95 -12.79
N ASN A 61 -47.62 -13.96 -13.04
CA ASN A 61 -47.81 -15.02 -14.01
C ASN A 61 -48.82 -15.99 -13.40
N THR A 62 -49.79 -16.43 -14.20
CA THR A 62 -50.95 -17.14 -13.66
C THR A 62 -50.48 -18.35 -12.86
N LYS A 63 -49.42 -19.03 -13.34
CA LYS A 63 -48.97 -20.29 -12.78
C LYS A 63 -48.66 -20.12 -11.30
N PHE A 64 -48.59 -18.86 -10.87
CA PHE A 64 -47.97 -18.54 -9.59
C PHE A 64 -48.91 -17.74 -8.70
N ILE A 65 -50.09 -17.31 -9.21
CA ILE A 65 -50.88 -16.29 -8.52
C ILE A 65 -51.22 -16.72 -7.09
N GLY A 66 -51.43 -18.01 -6.88
CA GLY A 66 -51.83 -18.48 -5.57
C GLY A 66 -50.71 -18.44 -4.52
N ARG A 67 -49.46 -18.59 -4.96
CA ARG A 67 -48.43 -19.09 -4.07
C ARG A 67 -47.44 -17.98 -3.70
N PHE A 68 -47.28 -17.00 -4.60
CA PHE A 68 -46.19 -16.03 -4.48
C PHE A 68 -46.73 -14.64 -4.18
N THR A 69 -46.02 -13.95 -3.27
CA THR A 69 -46.24 -12.55 -2.99
C THR A 69 -44.93 -11.79 -3.22
N ILE A 70 -45.00 -10.79 -4.10
CA ILE A 70 -43.94 -9.82 -4.27
C ILE A 70 -44.18 -8.64 -3.33
N SER A 71 -43.12 -8.27 -2.60
CA SER A 71 -43.12 -7.18 -1.64
C SER A 71 -41.86 -6.36 -1.85
N ARG A 72 -41.95 -5.07 -1.51
CA ARG A 72 -40.86 -4.15 -1.79
C ARG A 72 -40.61 -3.21 -0.62
N ASP A 73 -39.32 -3.02 -0.27
CA ASP A 73 -38.91 -2.07 0.75
C ASP A 73 -38.06 -0.96 0.12
N ASP A 74 -38.70 0.22 0.01
CA ASP A 74 -38.15 1.37 -0.68
C ASP A 74 -37.10 2.09 0.17
N ASP A 75 -36.94 1.68 1.43
CA ASP A 75 -35.92 2.30 2.25
C ASP A 75 -34.61 1.57 2.04
N THR A 76 -34.66 0.25 2.21
CA THR A 76 -33.50 -0.63 2.13
C THR A 76 -33.12 -0.89 0.68
N ASN A 77 -33.94 -0.44 -0.27
CA ASN A 77 -33.73 -0.74 -1.69
C ASN A 77 -33.70 -2.25 -1.90
N THR A 78 -34.64 -2.94 -1.22
CA THR A 78 -34.73 -4.39 -1.30
C THR A 78 -36.04 -4.80 -1.94
N LEU A 79 -35.98 -5.83 -2.79
CA LEU A 79 -37.14 -6.48 -3.37
C LEU A 79 -37.27 -7.89 -2.79
N TYR A 80 -38.53 -8.30 -2.52
CA TYR A 80 -38.78 -9.54 -1.80
C TYR A 80 -39.75 -10.44 -2.54
N LEU A 81 -39.51 -11.74 -2.45
CA LEU A 81 -40.43 -12.71 -3.01
C LEU A 81 -40.75 -13.78 -1.98
N GLN A 82 -42.04 -13.80 -1.58
CA GLN A 82 -42.56 -14.77 -0.63
C GLN A 82 -43.09 -15.96 -1.41
N MET A 83 -42.63 -17.16 -1.03
CA MET A 83 -42.96 -18.38 -1.77
C MET A 83 -43.47 -19.45 -0.83
N ASN A 84 -44.69 -19.95 -1.08
CA ASN A 84 -45.34 -20.94 -0.23
C ASN A 84 -45.76 -22.12 -1.09
N SER A 85 -45.96 -23.28 -0.43
CA SER A 85 -46.42 -24.50 -1.07
C SER A 85 -45.51 -24.83 -2.24
N LEU A 86 -44.21 -24.95 -1.94
CA LEU A 86 -43.21 -25.14 -2.97
C LEU A 86 -43.15 -26.63 -3.37
N ARG A 87 -42.82 -26.90 -4.63
CA ARG A 87 -42.73 -28.25 -5.15
C ARG A 87 -41.48 -28.37 -6.02
N ALA A 88 -41.21 -29.56 -6.55
CA ALA A 88 -40.05 -29.75 -7.41
C ALA A 88 -40.04 -28.76 -8.59
N GLU A 89 -41.23 -28.42 -9.11
CA GLU A 89 -41.44 -27.43 -10.18
C GLU A 89 -40.70 -26.12 -9.90
N ASP A 90 -40.43 -25.84 -8.62
CA ASP A 90 -39.97 -24.51 -8.25
C ASP A 90 -38.46 -24.48 -8.09
N THR A 91 -37.82 -25.67 -8.09
CA THR A 91 -36.38 -25.75 -8.16
C THR A 91 -35.90 -24.97 -9.38
N ALA A 92 -35.28 -23.82 -9.13
CA ALA A 92 -34.84 -22.93 -10.19
C ALA A 92 -33.86 -21.89 -9.64
N VAL A 93 -33.15 -21.24 -10.56
CA VAL A 93 -32.47 -20.01 -10.22
C VAL A 93 -33.50 -18.88 -10.34
N TYR A 94 -33.57 -18.04 -9.30
CA TYR A 94 -34.55 -16.97 -9.33
C TYR A 94 -33.86 -15.63 -9.53
N TYR A 95 -34.26 -14.90 -10.57
CA TYR A 95 -33.65 -13.62 -10.85
C TYR A 95 -34.52 -12.46 -10.37
N CYS A 96 -33.78 -11.47 -9.90
CA CYS A 96 -34.26 -10.13 -9.69
C CYS A 96 -33.97 -9.38 -10.98
N ALA A 97 -34.83 -8.43 -11.35
CA ALA A 97 -34.53 -7.67 -12.55
C ALA A 97 -35.30 -6.36 -12.56
N ARG A 98 -34.72 -5.39 -13.27
CA ARG A 98 -35.26 -4.05 -13.32
C ARG A 98 -36.27 -3.94 -14.45
N ASP A 99 -37.56 -3.91 -14.10
CA ASP A 99 -38.64 -3.94 -15.08
C ASP A 99 -38.89 -2.56 -15.67
N ASP A 100 -38.60 -2.41 -16.96
CA ASP A 100 -39.08 -1.26 -17.71
C ASP A 100 -39.60 -1.72 -19.07
N GLY A 101 -40.48 -2.72 -19.04
CA GLY A 101 -40.68 -3.49 -20.24
C GLY A 101 -39.56 -4.52 -20.40
N TYR A 102 -38.31 -4.07 -20.33
CA TYR A 102 -37.30 -4.85 -21.01
C TYR A 102 -36.08 -5.23 -20.17
N PHE A 103 -36.11 -5.09 -18.84
CA PHE A 103 -35.13 -5.79 -18.00
C PHE A 103 -33.65 -5.58 -18.39
N ASP A 104 -33.11 -4.39 -18.06
CA ASP A 104 -31.75 -4.02 -18.45
C ASP A 104 -30.74 -4.29 -17.35
N THR A 105 -31.19 -4.78 -16.19
CA THR A 105 -30.35 -4.98 -15.01
C THR A 105 -30.82 -6.24 -14.30
N TRP A 106 -29.86 -7.13 -14.07
CA TRP A 106 -30.16 -8.45 -13.52
C TRP A 106 -29.26 -8.69 -12.32
N GLY A 107 -29.80 -9.32 -11.28
CA GLY A 107 -28.97 -9.99 -10.30
C GLY A 107 -28.26 -11.18 -10.93
N GLN A 108 -27.35 -11.80 -10.20
CA GLN A 108 -26.70 -13.00 -10.70
C GLN A 108 -27.64 -14.18 -10.53
N GLY A 109 -28.49 -14.11 -9.49
CA GLY A 109 -29.50 -15.11 -9.21
C GLY A 109 -29.21 -15.95 -7.97
N THR A 110 -30.26 -16.58 -7.44
CA THR A 110 -30.17 -17.39 -6.25
C THR A 110 -30.83 -18.74 -6.55
N LEU A 111 -30.12 -19.85 -6.25
CA LEU A 111 -30.60 -21.18 -6.56
C LEU A 111 -31.46 -21.72 -5.42
N VAL A 112 -32.73 -21.95 -5.71
CA VAL A 112 -33.63 -22.66 -4.81
C VAL A 112 -33.65 -24.12 -5.23
N THR A 113 -33.34 -25.02 -4.30
CA THR A 113 -33.45 -26.46 -4.54
C THR A 113 -34.60 -27.00 -3.67
N VAL A 114 -35.71 -27.49 -4.29
CA VAL A 114 -36.81 -28.07 -3.54
C VAL A 114 -36.66 -29.58 -3.47
N SER A 115 -36.45 -30.09 -2.26
CA SER A 115 -36.09 -31.47 -2.03
C SER A 115 -36.15 -31.78 -0.54
N SER A 116 -36.59 -32.99 -0.20
CA SER A 116 -36.45 -33.46 1.16
C SER A 116 -35.30 -34.48 1.20
N ALA A 117 -34.08 -33.94 1.04
CA ALA A 117 -32.83 -34.65 1.10
C ALA A 117 -31.87 -33.85 1.98
N SER A 118 -30.93 -34.55 2.63
CA SER A 118 -30.04 -33.98 3.63
C SER A 118 -29.01 -33.06 2.96
N THR A 119 -28.83 -31.82 3.46
CA THR A 119 -27.66 -31.01 3.18
C THR A 119 -26.43 -31.83 3.55
N LYS A 120 -25.35 -31.66 2.79
CA LYS A 120 -24.11 -32.35 3.06
C LYS A 120 -22.98 -31.62 2.32
N GLY A 121 -21.86 -31.41 3.02
CA GLY A 121 -20.69 -30.77 2.44
C GLY A 121 -19.82 -31.76 1.71
N PRO A 122 -19.01 -31.28 0.73
CA PRO A 122 -18.18 -32.17 -0.10
C PRO A 122 -16.91 -32.64 0.59
N SER A 123 -16.40 -33.82 0.21
CA SER A 123 -15.02 -34.15 0.49
C SER A 123 -14.17 -33.85 -0.77
N VAL A 124 -13.02 -33.21 -0.57
CA VAL A 124 -12.18 -32.75 -1.69
C VAL A 124 -10.97 -33.67 -1.83
N PHE A 125 -10.91 -34.40 -2.96
CA PHE A 125 -9.78 -35.27 -3.23
C PHE A 125 -8.95 -34.71 -4.38
N PRO A 126 -7.62 -34.91 -4.35
CA PRO A 126 -6.74 -34.47 -5.44
C PRO A 126 -6.70 -35.39 -6.66
N LEU A 127 -6.81 -34.77 -7.84
CA LEU A 127 -6.40 -35.38 -9.09
C LEU A 127 -4.98 -34.89 -9.40
N ALA A 128 -3.99 -35.77 -9.17
CA ALA A 128 -2.59 -35.40 -9.15
C ALA A 128 -1.93 -35.72 -10.49
N PRO A 129 -1.00 -34.86 -10.97
CA PRO A 129 -0.27 -35.12 -12.21
C PRO A 129 0.70 -36.31 -12.12
N SER A 130 0.98 -36.96 -13.25
CA SER A 130 1.98 -38.02 -13.39
C SER A 130 1.85 -38.68 -14.76
N SER A 131 2.99 -38.87 -15.42
CA SER A 131 3.10 -39.60 -16.67
C SER A 131 2.05 -39.15 -17.69
N LYS A 132 0.81 -39.62 -17.48
CA LYS A 132 -0.32 -39.47 -18.38
C LYS A 132 -0.82 -38.03 -18.42
N SER A 133 -0.57 -37.24 -17.37
CA SER A 133 -1.02 -35.86 -17.29
C SER A 133 0.08 -34.88 -17.71
N THR A 134 1.36 -35.23 -17.45
CA THR A 134 2.50 -34.43 -17.87
C THR A 134 2.60 -34.40 -19.40
N SER A 135 1.93 -35.36 -20.06
CA SER A 135 1.68 -35.48 -21.50
C SER A 135 2.66 -34.68 -22.36
N GLY A 136 2.19 -33.59 -23.00
CA GLY A 136 3.06 -32.72 -23.76
C GLY A 136 3.99 -31.92 -22.85
N GLY A 137 4.57 -30.84 -23.38
CA GLY A 137 5.27 -29.87 -22.54
C GLY A 137 4.29 -29.13 -21.63
N THR A 138 3.35 -29.89 -21.05
CA THR A 138 2.17 -29.36 -20.37
C THR A 138 1.47 -30.48 -19.59
N ALA A 139 1.09 -30.20 -18.34
CA ALA A 139 0.57 -31.22 -17.45
C ALA A 139 -0.82 -30.83 -16.95
N ALA A 140 -1.61 -31.86 -16.57
CA ALA A 140 -3.00 -31.71 -16.14
C ALA A 140 -3.18 -32.15 -14.69
N LEU A 141 -3.74 -31.25 -13.86
CA LEU A 141 -4.01 -31.56 -12.46
C LEU A 141 -5.37 -30.98 -12.08
N GLY A 142 -5.92 -31.38 -10.93
CA GLY A 142 -7.19 -30.86 -10.47
C GLY A 142 -7.59 -31.39 -9.09
N CYS A 143 -8.84 -31.14 -8.70
CA CYS A 143 -9.43 -31.75 -7.51
C CYS A 143 -10.86 -32.22 -7.79
N LEU A 144 -11.25 -33.28 -7.08
CA LEU A 144 -12.58 -33.83 -7.19
C LEU A 144 -13.39 -33.45 -5.94
N VAL A 145 -14.47 -32.71 -6.16
CA VAL A 145 -15.38 -32.24 -5.13
C VAL A 145 -16.57 -33.21 -5.11
N LYS A 146 -16.68 -34.00 -4.04
CA LYS A 146 -17.53 -35.19 -4.08
C LYS A 146 -18.57 -35.21 -2.94
N ASP A 147 -19.78 -35.66 -3.30
CA ASP A 147 -20.87 -36.02 -2.38
C ASP A 147 -21.40 -34.80 -1.61
N TYR A 148 -21.82 -33.76 -2.32
CA TYR A 148 -22.39 -32.60 -1.69
C TYR A 148 -23.86 -32.49 -2.09
N PHE A 149 -24.60 -31.69 -1.32
CA PHE A 149 -25.97 -31.34 -1.65
C PHE A 149 -26.32 -30.10 -0.83
N PRO A 150 -27.12 -29.14 -1.33
CA PRO A 150 -27.45 -29.05 -2.75
C PRO A 150 -26.37 -28.28 -3.52
N GLU A 151 -26.60 -28.04 -4.80
CA GLU A 151 -25.87 -27.04 -5.55
C GLU A 151 -26.10 -25.70 -4.85
N PRO A 152 -25.25 -24.66 -5.04
CA PRO A 152 -24.02 -24.75 -5.83
C PRO A 152 -22.72 -24.84 -5.04
N VAL A 153 -21.62 -25.15 -5.75
CA VAL A 153 -20.27 -25.19 -5.21
C VAL A 153 -19.39 -24.30 -6.09
N THR A 154 -18.76 -23.25 -5.53
CA THR A 154 -17.82 -22.40 -6.28
C THR A 154 -16.41 -22.92 -6.07
N VAL A 155 -15.55 -22.80 -7.10
CA VAL A 155 -14.14 -23.19 -7.01
C VAL A 155 -13.27 -22.08 -7.59
N SER A 156 -12.21 -21.73 -6.84
CA SER A 156 -11.14 -20.85 -7.28
C SER A 156 -9.82 -21.62 -7.15
N TRP A 157 -8.77 -21.11 -7.79
CA TRP A 157 -7.43 -21.69 -7.66
C TRP A 157 -6.43 -20.64 -7.15
N ASN A 158 -5.74 -20.98 -6.05
CA ASN A 158 -4.80 -20.08 -5.39
C ASN A 158 -5.45 -18.70 -5.26
N SER A 159 -6.69 -18.71 -4.76
CA SER A 159 -7.46 -17.54 -4.33
C SER A 159 -7.65 -16.52 -5.46
N GLY A 160 -7.61 -16.99 -6.71
CA GLY A 160 -7.84 -16.11 -7.85
C GLY A 160 -6.55 -15.66 -8.53
N ALA A 161 -5.39 -16.11 -8.01
CA ALA A 161 -4.07 -15.82 -8.56
C ALA A 161 -3.72 -16.75 -9.72
N LEU A 162 -4.57 -17.77 -9.94
CA LEU A 162 -4.55 -18.64 -11.11
C LEU A 162 -5.98 -18.66 -11.67
N THR A 163 -6.20 -18.02 -12.83
CA THR A 163 -7.55 -17.80 -13.35
C THR A 163 -7.76 -18.51 -14.68
N SER A 164 -6.81 -18.34 -15.62
CA SER A 164 -7.11 -18.56 -17.02
C SER A 164 -7.18 -20.05 -17.38
N GLY A 165 -6.24 -20.86 -16.87
CA GLY A 165 -6.03 -22.23 -17.36
C GLY A 165 -7.02 -23.25 -16.80
N VAL A 166 -8.18 -22.79 -16.30
CA VAL A 166 -9.14 -23.55 -15.50
C VAL A 166 -10.21 -24.20 -16.38
N HIS A 167 -10.71 -25.35 -15.92
CA HIS A 167 -11.91 -25.96 -16.47
C HIS A 167 -12.73 -26.63 -15.36
N THR A 168 -13.81 -25.97 -14.94
CA THR A 168 -14.68 -26.44 -13.88
C THR A 168 -15.90 -27.09 -14.53
N PHE A 169 -16.01 -28.42 -14.42
CA PHE A 169 -17.12 -29.14 -15.01
C PHE A 169 -18.39 -28.95 -14.21
N PRO A 170 -19.56 -28.82 -14.86
CA PRO A 170 -20.84 -28.97 -14.16
C PRO A 170 -20.86 -30.25 -13.34
N ALA A 171 -21.53 -30.16 -12.19
CA ALA A 171 -21.65 -31.33 -11.32
C ALA A 171 -22.62 -32.33 -11.94
N VAL A 172 -22.33 -33.60 -11.72
CA VAL A 172 -23.26 -34.66 -12.08
C VAL A 172 -23.94 -35.14 -10.79
N LEU A 173 -25.25 -35.40 -10.87
CA LEU A 173 -26.01 -35.93 -9.75
C LEU A 173 -25.80 -37.44 -9.70
N GLN A 174 -25.18 -37.94 -8.63
CA GLN A 174 -24.89 -39.37 -8.51
C GLN A 174 -26.18 -40.12 -8.20
N SER A 175 -26.12 -41.45 -8.34
CA SER A 175 -27.24 -42.31 -7.96
C SER A 175 -27.58 -42.11 -6.48
N SER A 176 -26.59 -41.61 -5.72
CA SER A 176 -26.63 -41.40 -4.28
C SER A 176 -27.65 -40.34 -3.88
N GLY A 177 -27.90 -39.37 -4.78
CA GLY A 177 -28.66 -38.17 -4.46
C GLY A 177 -27.74 -36.98 -4.13
N LEU A 178 -26.43 -37.19 -4.29
CA LEU A 178 -25.42 -36.15 -4.05
C LEU A 178 -24.68 -35.77 -5.34
N TYR A 179 -24.15 -34.55 -5.33
CA TYR A 179 -23.43 -34.00 -6.46
C TYR A 179 -21.93 -34.25 -6.35
N SER A 180 -21.29 -34.45 -7.50
CA SER A 180 -19.86 -34.58 -7.62
C SER A 180 -19.40 -33.81 -8.85
N LEU A 181 -18.32 -33.03 -8.67
CA LEU A 181 -17.84 -32.02 -9.60
C LEU A 181 -16.32 -32.12 -9.65
N SER A 182 -15.74 -31.84 -10.82
CA SER A 182 -14.30 -31.86 -11.01
C SER A 182 -13.86 -30.50 -11.52
N SER A 183 -12.76 -29.98 -10.98
CA SER A 183 -12.13 -28.78 -11.52
C SER A 183 -10.68 -29.12 -11.82
N VAL A 184 -10.21 -28.73 -13.01
CA VAL A 184 -8.89 -29.11 -13.50
C VAL A 184 -8.15 -27.88 -14.03
N VAL A 185 -6.82 -27.93 -14.00
CA VAL A 185 -6.00 -26.83 -14.46
C VAL A 185 -4.77 -27.36 -15.22
N THR A 186 -4.42 -26.64 -16.29
CA THR A 186 -3.27 -26.94 -17.12
C THR A 186 -2.10 -26.06 -16.69
N VAL A 187 -0.93 -26.68 -16.51
CA VAL A 187 0.27 -26.00 -16.06
C VAL A 187 1.48 -26.67 -16.71
N PRO A 188 2.59 -25.92 -16.98
CA PRO A 188 3.76 -26.52 -17.63
C PRO A 188 4.53 -27.51 -16.76
N SER A 189 4.72 -28.74 -17.26
CA SER A 189 5.48 -29.76 -16.55
C SER A 189 6.96 -29.36 -16.42
N TYR A 197 -0.69 -24.31 -5.80
CA TYR A 197 -1.66 -25.26 -6.39
C TYR A 197 -2.65 -25.78 -5.35
N ILE A 198 -3.57 -24.89 -4.98
CA ILE A 198 -4.63 -25.13 -4.01
C ILE A 198 -5.94 -24.73 -4.68
N CYS A 199 -6.93 -25.65 -4.69
CA CYS A 199 -8.27 -25.25 -5.06
C CYS A 199 -9.03 -24.75 -3.83
N ASN A 200 -9.73 -23.63 -4.03
CA ASN A 200 -10.59 -23.00 -3.04
C ASN A 200 -12.04 -23.41 -3.31
N VAL A 201 -12.58 -24.30 -2.46
CA VAL A 201 -13.92 -24.84 -2.54
C VAL A 201 -14.81 -24.09 -1.53
N ASN A 202 -15.92 -23.53 -2.01
CA ASN A 202 -16.89 -22.87 -1.15
C ASN A 202 -18.29 -23.46 -1.45
N HIS A 203 -18.95 -23.99 -0.40
CA HIS A 203 -20.25 -24.66 -0.44
C HIS A 203 -21.22 -23.98 0.52
N LYS A 204 -21.72 -22.81 0.11
CA LYS A 204 -22.49 -21.91 0.95
C LYS A 204 -23.54 -22.67 1.77
N PRO A 205 -24.36 -23.54 1.16
CA PRO A 205 -25.47 -24.16 1.88
C PRO A 205 -25.03 -24.94 3.12
N SER A 206 -23.79 -25.45 3.14
CA SER A 206 -23.37 -26.20 4.31
C SER A 206 -22.30 -25.46 5.09
N ASN A 207 -22.09 -24.17 4.77
CA ASN A 207 -21.06 -23.38 5.40
C ASN A 207 -19.75 -24.19 5.46
N THR A 208 -19.43 -24.88 4.34
CA THR A 208 -18.15 -25.56 4.16
C THR A 208 -17.25 -24.68 3.29
N LYS A 209 -16.00 -24.46 3.73
CA LYS A 209 -14.97 -23.85 2.91
C LYS A 209 -13.68 -24.65 3.08
N VAL A 210 -13.13 -25.16 1.98
CA VAL A 210 -11.97 -26.05 2.03
C VAL A 210 -10.87 -25.47 1.15
N ASP A 211 -9.61 -25.57 1.61
CA ASP A 211 -8.45 -25.21 0.81
C ASP A 211 -7.56 -26.45 0.70
N LYS A 212 -7.67 -27.13 -0.45
CA LYS A 212 -7.01 -28.40 -0.69
C LYS A 212 -5.84 -28.22 -1.65
N LYS A 213 -4.64 -28.55 -1.16
CA LYS A 213 -3.42 -28.54 -1.96
C LYS A 213 -3.41 -29.79 -2.83
N VAL A 214 -3.01 -29.60 -4.08
CA VAL A 214 -2.82 -30.72 -4.98
C VAL A 214 -1.33 -30.74 -5.32
N GLU A 215 -0.72 -31.92 -5.15
CA GLU A 215 0.66 -32.19 -5.54
C GLU A 215 0.77 -33.59 -6.15
N PRO A 216 1.88 -33.96 -6.84
CA PRO A 216 2.07 -35.31 -7.38
C PRO A 216 2.07 -36.35 -6.25
N ALA B 1 -52.24 -15.65 -22.00
CA ALA B 1 -50.92 -15.04 -22.34
C ALA B 1 -50.71 -14.95 -23.84
N ILE B 2 -49.64 -14.26 -24.27
CA ILE B 2 -49.15 -14.29 -25.64
C ILE B 2 -47.99 -15.28 -25.72
N GLN B 3 -47.99 -16.15 -26.74
CA GLN B 3 -46.99 -17.21 -26.81
C GLN B 3 -45.85 -16.77 -27.71
N MET B 4 -44.62 -16.81 -27.19
CA MET B 4 -43.45 -16.54 -28.03
C MET B 4 -42.89 -17.85 -28.57
N THR B 5 -42.64 -17.84 -29.88
CA THR B 5 -42.16 -18.99 -30.61
C THR B 5 -40.85 -18.61 -31.32
N GLN B 6 -39.74 -19.01 -30.69
CA GLN B 6 -38.42 -18.73 -31.21
C GLN B 6 -38.02 -19.85 -32.15
N SER B 7 -37.14 -19.56 -33.11
CA SER B 7 -36.62 -20.61 -33.97
C SER B 7 -35.28 -20.23 -34.56
N PRO B 8 -34.37 -21.21 -34.71
CA PRO B 8 -34.62 -22.59 -34.27
C PRO B 8 -34.27 -22.92 -32.82
N SER B 9 -34.76 -24.07 -32.34
CA SER B 9 -34.52 -24.52 -30.98
C SER B 9 -33.03 -24.51 -30.66
N SER B 10 -32.25 -25.02 -31.61
CA SER B 10 -30.80 -25.02 -31.48
C SER B 10 -30.16 -24.97 -32.86
N LEU B 11 -28.86 -24.61 -32.91
CA LEU B 11 -28.12 -24.64 -34.17
C LEU B 11 -26.62 -24.43 -33.97
N SER B 12 -25.84 -24.91 -34.93
CA SER B 12 -24.41 -24.68 -35.06
C SER B 12 -24.25 -23.63 -36.14
N ALA B 13 -23.18 -22.83 -36.07
CA ALA B 13 -22.87 -21.85 -37.11
C ALA B 13 -21.37 -21.61 -37.03
N SER B 14 -20.74 -21.55 -38.23
CA SER B 14 -19.30 -21.38 -38.35
C SER B 14 -18.92 -19.92 -38.14
N VAL B 15 -17.66 -19.72 -37.76
CA VAL B 15 -17.21 -18.38 -37.42
C VAL B 15 -17.26 -17.52 -38.67
N GLY B 16 -17.96 -16.39 -38.58
CA GLY B 16 -18.01 -15.48 -39.71
C GLY B 16 -19.40 -15.41 -40.33
N ASP B 17 -20.16 -16.52 -40.27
CA ASP B 17 -21.49 -16.63 -40.84
C ASP B 17 -22.38 -15.49 -40.38
N ARG B 18 -23.40 -15.20 -41.19
CA ARG B 18 -24.52 -14.38 -40.76
C ARG B 18 -25.56 -15.33 -40.19
N VAL B 19 -26.20 -14.96 -39.08
CA VAL B 19 -27.17 -15.81 -38.39
C VAL B 19 -28.43 -15.03 -38.05
N THR B 20 -29.57 -15.70 -38.23
CA THR B 20 -30.84 -15.08 -37.93
C THR B 20 -31.63 -15.99 -36.99
N ILE B 21 -32.18 -15.37 -35.95
CA ILE B 21 -33.09 -16.02 -35.03
C ILE B 21 -34.40 -15.24 -35.05
N THR B 22 -35.51 -15.98 -35.08
CA THR B 22 -36.80 -15.41 -35.36
C THR B 22 -37.72 -15.69 -34.19
N CYS B 23 -38.51 -14.67 -33.85
CA CYS B 23 -39.45 -14.78 -32.76
C CYS B 23 -40.82 -14.32 -33.25
N HIS B 24 -41.85 -15.13 -32.94
CA HIS B 24 -43.20 -14.89 -33.44
C HIS B 24 -44.20 -14.88 -32.29
N GLY B 25 -45.04 -13.84 -32.27
CA GLY B 25 -46.00 -13.61 -31.19
C GLY B 25 -47.43 -13.96 -31.60
N SER B 26 -48.26 -14.27 -30.60
CA SER B 26 -49.65 -14.67 -30.79
C SER B 26 -50.52 -13.46 -31.09
N TYR B 27 -50.05 -12.28 -30.69
CA TYR B 27 -50.74 -11.07 -31.08
C TYR B 27 -49.71 -10.10 -31.66
N TRP B 28 -50.20 -8.95 -32.14
CA TRP B 28 -49.38 -7.86 -32.64
C TRP B 28 -48.73 -7.13 -31.45
N LEU B 29 -47.42 -6.89 -31.55
CA LEU B 29 -46.59 -6.56 -30.40
C LEU B 29 -46.11 -5.13 -30.46
N SER B 30 -45.93 -4.57 -31.66
CA SER B 30 -45.56 -3.16 -31.85
C SER B 30 -44.18 -2.84 -31.27
N ASN B 31 -43.25 -3.80 -31.40
CA ASN B 31 -41.85 -3.62 -31.00
C ASN B 31 -41.67 -3.64 -29.49
N TYR B 32 -42.71 -4.00 -28.73
CA TYR B 32 -42.53 -4.26 -27.31
C TYR B 32 -41.86 -5.62 -27.14
N LEU B 33 -40.67 -5.71 -27.74
CA LEU B 33 -39.86 -6.92 -27.71
C LEU B 33 -38.40 -6.61 -27.37
N ALA B 34 -37.75 -7.57 -26.72
CA ALA B 34 -36.32 -7.47 -26.49
C ALA B 34 -35.65 -8.84 -26.64
N TRP B 35 -34.34 -8.76 -26.82
CA TRP B 35 -33.48 -9.91 -27.09
C TRP B 35 -32.44 -10.01 -25.98
N TYR B 36 -32.25 -11.21 -25.46
CA TYR B 36 -31.23 -11.46 -24.45
C TYR B 36 -30.25 -12.51 -24.95
N GLN B 37 -28.99 -12.32 -24.55
CA GLN B 37 -27.98 -13.35 -24.67
C GLN B 37 -27.67 -13.86 -23.28
N GLN B 38 -27.44 -15.15 -23.16
CA GLN B 38 -27.17 -15.66 -21.84
C GLN B 38 -26.14 -16.78 -21.93
N LYS B 39 -25.00 -16.55 -21.30
CA LYS B 39 -23.94 -17.53 -21.30
C LYS B 39 -24.26 -18.64 -20.31
N PRO B 40 -23.61 -19.84 -20.41
CA PRO B 40 -23.86 -20.94 -19.48
C PRO B 40 -23.49 -20.62 -18.03
N GLY B 41 -24.48 -20.71 -17.13
CA GLY B 41 -24.23 -20.41 -15.73
C GLY B 41 -24.66 -19.00 -15.35
N LYS B 42 -24.82 -18.11 -16.33
CA LYS B 42 -24.86 -16.71 -15.95
C LYS B 42 -26.22 -16.08 -16.23
N ALA B 43 -26.39 -14.87 -15.71
CA ALA B 43 -27.60 -14.09 -15.89
C ALA B 43 -27.74 -13.73 -17.37
N PRO B 44 -28.95 -13.35 -17.82
CA PRO B 44 -29.17 -12.89 -19.19
C PRO B 44 -28.62 -11.47 -19.34
N LYS B 45 -28.07 -11.16 -20.51
CA LYS B 45 -27.61 -9.82 -20.86
C LYS B 45 -28.54 -9.27 -21.95
N LEU B 46 -29.08 -8.06 -21.73
CA LEU B 46 -29.98 -7.44 -22.70
C LEU B 46 -29.19 -6.97 -23.90
N LEU B 47 -29.63 -7.35 -25.12
CA LEU B 47 -28.95 -7.00 -26.36
C LEU B 47 -29.75 -5.98 -27.15
N ILE B 48 -30.97 -6.37 -27.49
CA ILE B 48 -31.83 -5.45 -28.20
C ILE B 48 -33.05 -5.21 -27.33
N TYR B 49 -33.58 -4.00 -27.40
CA TYR B 49 -34.85 -3.69 -26.76
C TYR B 49 -35.63 -2.82 -27.72
N ASP B 50 -36.92 -2.62 -27.46
CA ASP B 50 -37.85 -1.93 -28.37
C ASP B 50 -37.72 -2.40 -29.82
N GLY B 51 -37.40 -3.69 -29.98
CA GLY B 51 -37.43 -4.38 -31.26
C GLY B 51 -36.11 -4.26 -32.01
N LYS B 52 -35.46 -3.09 -31.92
CA LYS B 52 -34.41 -2.76 -32.86
C LYS B 52 -33.30 -1.92 -32.23
N GLU B 53 -33.54 -1.38 -31.02
CA GLU B 53 -32.56 -0.52 -30.35
C GLU B 53 -31.48 -1.38 -29.73
N ARG B 54 -30.22 -1.00 -29.99
CA ARG B 54 -29.11 -1.71 -29.39
C ARG B 54 -28.90 -1.12 -28.01
N GLU B 55 -28.38 -1.93 -27.09
CA GLU B 55 -28.06 -1.43 -25.77
C GLU B 55 -26.64 -0.88 -25.84
N HIS B 56 -26.35 0.17 -25.04
CA HIS B 56 -25.00 0.67 -24.94
C HIS B 56 -24.06 -0.50 -24.65
N GLY B 57 -22.95 -0.55 -25.38
CA GLY B 57 -21.93 -1.56 -25.17
C GLY B 57 -22.23 -2.89 -25.86
N VAL B 58 -23.33 -2.98 -26.61
CA VAL B 58 -23.60 -4.18 -27.39
C VAL B 58 -22.89 -4.02 -28.74
N PRO B 59 -22.00 -4.96 -29.14
CA PRO B 59 -21.35 -4.94 -30.46
C PRO B 59 -22.26 -4.68 -31.65
N SER B 60 -21.66 -4.10 -32.70
CA SER B 60 -22.37 -3.59 -33.86
C SER B 60 -23.08 -4.72 -34.59
N ARG B 61 -22.55 -5.95 -34.46
CA ARG B 61 -22.95 -7.07 -35.30
C ARG B 61 -24.35 -7.58 -34.94
N PHE B 62 -24.72 -7.44 -33.67
CA PHE B 62 -26.04 -7.79 -33.18
C PHE B 62 -27.06 -6.78 -33.68
N SER B 63 -28.15 -7.28 -34.28
CA SER B 63 -29.06 -6.42 -34.98
C SER B 63 -30.50 -6.84 -34.74
N GLY B 64 -31.31 -5.85 -34.38
CA GLY B 64 -32.72 -6.10 -34.14
C GLY B 64 -33.60 -5.58 -35.27
N SER B 65 -34.59 -6.40 -35.66
CA SER B 65 -35.61 -6.03 -36.63
C SER B 65 -36.88 -6.86 -36.44
N GLY B 66 -37.90 -6.52 -37.23
CA GLY B 66 -39.24 -7.06 -37.09
C GLY B 66 -40.29 -5.95 -36.98
N SER B 67 -41.55 -6.34 -37.19
CA SER B 67 -42.72 -5.56 -36.76
C SER B 67 -43.88 -6.54 -36.54
N HIS B 68 -45.02 -5.99 -36.12
CA HIS B 68 -46.27 -6.73 -36.01
C HIS B 68 -46.09 -7.97 -35.10
N GLU B 69 -45.97 -9.15 -35.72
CA GLU B 69 -45.97 -10.42 -35.01
C GLU B 69 -44.58 -11.05 -35.02
N ASP B 70 -43.75 -10.64 -36.00
CA ASP B 70 -42.59 -11.41 -36.40
C ASP B 70 -41.33 -10.57 -36.22
N TYR B 71 -40.36 -11.13 -35.48
CA TYR B 71 -39.17 -10.40 -35.06
C TYR B 71 -37.92 -11.25 -35.22
N THR B 72 -36.80 -10.54 -35.37
CA THR B 72 -35.54 -11.14 -35.80
C THR B 72 -34.36 -10.50 -35.06
N LEU B 73 -33.54 -11.39 -34.50
CA LEU B 73 -32.19 -11.08 -34.12
C LEU B 73 -31.29 -11.56 -35.24
N THR B 74 -30.36 -10.68 -35.65
CA THR B 74 -29.36 -11.01 -36.64
C THR B 74 -27.98 -10.72 -36.07
N ILE B 75 -27.18 -11.79 -36.01
CA ILE B 75 -25.76 -11.68 -35.72
C ILE B 75 -25.03 -11.75 -37.06
N SER B 76 -24.33 -10.65 -37.40
CA SER B 76 -23.85 -10.47 -38.76
C SER B 76 -22.57 -11.26 -39.00
N SER B 77 -21.61 -11.18 -38.07
CA SER B 77 -20.37 -11.85 -38.38
C SER B 77 -20.00 -12.66 -37.16
N LEU B 78 -20.36 -13.95 -37.19
CA LEU B 78 -20.45 -14.73 -35.97
C LEU B 78 -19.07 -14.93 -35.38
N GLN B 79 -18.96 -14.60 -34.07
CA GLN B 79 -17.71 -14.63 -33.32
C GLN B 79 -17.76 -15.73 -32.25
N PRO B 80 -16.62 -16.42 -31.97
CA PRO B 80 -16.60 -17.62 -31.15
C PRO B 80 -17.17 -17.39 -29.76
N GLU B 81 -17.07 -16.12 -29.33
CA GLU B 81 -17.54 -15.64 -28.04
C GLU B 81 -19.03 -15.33 -28.09
N ASP B 82 -19.66 -15.61 -29.23
CA ASP B 82 -21.11 -15.41 -29.35
C ASP B 82 -21.90 -16.67 -28.98
N PHE B 83 -21.21 -17.81 -28.83
CA PHE B 83 -21.87 -19.02 -28.33
C PHE B 83 -22.63 -18.67 -27.06
N ALA B 84 -23.92 -18.99 -27.04
CA ALA B 84 -24.78 -18.62 -25.92
C ALA B 84 -26.16 -19.23 -26.12
N THR B 85 -27.13 -18.88 -25.27
CA THR B 85 -28.54 -19.13 -25.55
C THR B 85 -29.31 -17.82 -25.63
N TYR B 86 -30.08 -17.63 -26.70
CA TYR B 86 -30.67 -16.33 -26.92
C TYR B 86 -32.17 -16.45 -26.66
N TYR B 87 -32.76 -15.39 -26.07
CA TYR B 87 -34.18 -15.37 -25.76
C TYR B 87 -34.81 -14.08 -26.24
N CYS B 88 -36.07 -14.16 -26.68
CA CYS B 88 -36.84 -12.95 -26.91
C CYS B 88 -37.83 -12.81 -25.75
N GLN B 89 -38.34 -11.60 -25.57
CA GLN B 89 -39.30 -11.34 -24.51
C GLN B 89 -40.29 -10.30 -25.01
N GLN B 90 -41.56 -10.65 -24.89
CA GLN B 90 -42.65 -9.76 -25.24
C GLN B 90 -42.96 -8.91 -24.01
N TYR B 91 -43.35 -7.65 -24.20
CA TYR B 91 -43.82 -6.88 -23.05
C TYR B 91 -44.86 -5.84 -23.47
N ARG B 92 -45.71 -6.23 -24.43
CA ARG B 92 -46.83 -5.43 -24.88
C ARG B 92 -48.00 -5.55 -23.88
N TYR B 93 -48.16 -6.75 -23.30
CA TYR B 93 -49.20 -7.07 -22.33
C TYR B 93 -48.63 -7.97 -21.22
N HIS B 94 -49.07 -7.72 -19.99
CA HIS B 94 -48.79 -8.66 -18.90
C HIS B 94 -49.70 -9.86 -19.10
N PRO B 95 -49.22 -11.10 -18.85
CA PRO B 95 -47.89 -11.31 -18.29
C PRO B 95 -46.81 -11.19 -19.36
N TYR B 96 -45.64 -10.70 -18.93
CA TYR B 96 -44.44 -10.86 -19.72
C TYR B 96 -44.25 -12.34 -20.08
N THR B 97 -43.80 -12.55 -21.32
CA THR B 97 -43.58 -13.89 -21.85
C THR B 97 -42.32 -13.88 -22.71
N PHE B 98 -41.60 -15.01 -22.61
CA PHE B 98 -40.37 -15.23 -23.33
C PHE B 98 -40.55 -16.33 -24.36
N GLY B 99 -39.55 -16.46 -25.23
CA GLY B 99 -39.43 -17.61 -26.13
C GLY B 99 -38.80 -18.79 -25.41
N GLN B 100 -38.72 -19.92 -26.10
CA GLN B 100 -38.27 -21.13 -25.43
C GLN B 100 -36.75 -21.14 -25.50
N GLY B 101 -36.23 -20.27 -26.37
CA GLY B 101 -34.80 -20.06 -26.44
C GLY B 101 -34.14 -20.71 -27.66
N THR B 102 -32.97 -20.16 -28.03
CA THR B 102 -32.14 -20.66 -29.11
C THR B 102 -30.72 -20.89 -28.61
N LYS B 103 -30.31 -22.16 -28.54
CA LYS B 103 -29.00 -22.53 -28.08
C LYS B 103 -28.05 -22.53 -29.27
N LEU B 104 -27.12 -21.58 -29.28
CA LEU B 104 -26.21 -21.33 -30.38
C LEU B 104 -24.86 -21.98 -30.09
N GLU B 105 -24.46 -22.87 -30.97
CA GLU B 105 -23.15 -23.47 -30.82
C GLU B 105 -22.33 -22.90 -31.96
N ILE B 106 -21.03 -22.65 -31.71
CA ILE B 106 -20.08 -22.37 -32.76
C ILE B 106 -19.53 -23.68 -33.34
N LYS B 107 -19.45 -23.73 -34.67
CA LYS B 107 -19.08 -24.93 -35.41
C LYS B 107 -17.73 -24.69 -36.09
N ARG B 108 -16.89 -25.71 -36.11
CA ARG B 108 -15.50 -25.52 -36.48
C ARG B 108 -14.86 -26.83 -36.92
N THR B 109 -13.60 -26.73 -37.38
CA THR B 109 -12.80 -27.86 -37.85
C THR B 109 -12.80 -28.92 -36.77
N VAL B 110 -12.73 -30.20 -37.18
CA VAL B 110 -12.63 -31.28 -36.21
C VAL B 110 -11.31 -31.12 -35.45
N ALA B 111 -11.36 -31.39 -34.14
CA ALA B 111 -10.20 -31.43 -33.27
C ALA B 111 -10.38 -32.59 -32.29
N ALA B 112 -9.37 -33.47 -32.20
CA ALA B 112 -9.44 -34.64 -31.34
C ALA B 112 -8.97 -34.30 -29.93
N PRO B 113 -9.54 -34.98 -28.91
CA PRO B 113 -9.17 -34.73 -27.51
C PRO B 113 -7.78 -35.24 -27.16
N SER B 114 -7.14 -34.60 -26.17
CA SER B 114 -6.02 -35.18 -25.44
C SER B 114 -6.59 -35.94 -24.25
N VAL B 115 -6.14 -37.20 -24.05
CA VAL B 115 -6.73 -38.10 -23.06
C VAL B 115 -5.77 -38.24 -21.86
N PHE B 116 -6.30 -37.99 -20.65
CA PHE B 116 -5.60 -38.19 -19.39
C PHE B 116 -6.48 -39.02 -18.47
N ILE B 117 -5.83 -39.74 -17.55
CA ILE B 117 -6.51 -40.64 -16.63
C ILE B 117 -5.96 -40.40 -15.22
N PHE B 118 -6.86 -40.45 -14.23
CA PHE B 118 -6.49 -40.20 -12.85
C PHE B 118 -6.87 -41.41 -11.99
N PRO B 119 -5.88 -42.02 -11.28
CA PRO B 119 -6.16 -43.00 -10.25
C PRO B 119 -6.95 -42.32 -9.12
N PRO B 120 -7.59 -43.08 -8.20
CA PRO B 120 -8.22 -42.48 -7.03
C PRO B 120 -7.17 -42.08 -6.01
N SER B 121 -7.45 -41.00 -5.26
CA SER B 121 -6.59 -40.55 -4.17
C SER B 121 -6.50 -41.64 -3.12
N ASP B 122 -5.30 -41.85 -2.59
CA ASP B 122 -5.11 -42.77 -1.47
C ASP B 122 -5.89 -42.23 -0.28
N GLU B 123 -5.89 -40.89 -0.15
CA GLU B 123 -6.62 -40.17 0.89
C GLU B 123 -8.13 -40.36 0.73
N GLN B 124 -8.59 -40.67 -0.50
CA GLN B 124 -10.00 -40.95 -0.71
C GLN B 124 -10.33 -42.42 -0.46
N LEU B 125 -9.40 -43.31 -0.80
CA LEU B 125 -9.58 -44.73 -0.54
C LEU B 125 -9.54 -45.03 0.96
N LYS B 126 -9.07 -44.05 1.74
CA LYS B 126 -9.19 -44.07 3.20
C LYS B 126 -10.68 -44.06 3.59
N SER B 127 -11.49 -43.21 2.94
CA SER B 127 -12.94 -43.36 3.02
C SER B 127 -13.33 -44.62 2.24
N GLY B 128 -14.63 -44.88 2.04
CA GLY B 128 -15.00 -46.19 1.54
C GLY B 128 -14.76 -46.43 0.05
N THR B 129 -14.40 -45.37 -0.70
CA THR B 129 -14.75 -45.30 -2.11
C THR B 129 -13.52 -45.09 -2.99
N ALA B 130 -13.58 -45.63 -4.21
CA ALA B 130 -12.62 -45.39 -5.27
C ALA B 130 -13.30 -44.77 -6.50
N SER B 131 -12.85 -43.56 -6.86
CA SER B 131 -13.35 -42.84 -8.03
C SER B 131 -12.20 -42.60 -9.01
N VAL B 132 -12.40 -43.08 -10.25
CA VAL B 132 -11.41 -42.96 -11.32
C VAL B 132 -11.97 -42.00 -12.35
N VAL B 133 -11.10 -41.10 -12.84
CA VAL B 133 -11.55 -40.02 -13.71
C VAL B 133 -10.74 -40.02 -15.00
N CYS B 134 -11.47 -39.91 -16.12
CA CYS B 134 -10.91 -39.82 -17.46
C CYS B 134 -11.22 -38.43 -18.01
N LEU B 135 -10.18 -37.77 -18.54
CA LEU B 135 -10.27 -36.39 -18.99
C LEU B 135 -10.00 -36.32 -20.50
N LEU B 136 -10.97 -35.78 -21.25
CA LEU B 136 -10.81 -35.43 -22.65
C LEU B 136 -10.72 -33.91 -22.79
N ASN B 137 -9.59 -33.42 -23.30
CA ASN B 137 -9.30 -32.00 -23.29
C ASN B 137 -9.41 -31.39 -24.67
N ASN B 138 -10.26 -30.35 -24.75
CA ASN B 138 -10.38 -29.44 -25.88
C ASN B 138 -10.53 -30.19 -27.21
N PHE B 139 -11.75 -30.63 -27.50
CA PHE B 139 -12.04 -31.36 -28.72
C PHE B 139 -13.28 -30.75 -29.36
N TYR B 140 -13.58 -31.22 -30.59
CA TYR B 140 -14.77 -30.84 -31.31
C TYR B 140 -15.02 -31.88 -32.38
N PRO B 141 -16.27 -32.34 -32.62
CA PRO B 141 -17.46 -31.79 -31.95
C PRO B 141 -17.70 -32.42 -30.58
N ARG B 142 -18.90 -32.19 -30.04
CA ARG B 142 -19.25 -32.59 -28.68
C ARG B 142 -19.32 -34.12 -28.53
N GLU B 143 -19.73 -34.83 -29.58
CA GLU B 143 -20.13 -36.22 -29.47
C GLU B 143 -18.90 -37.12 -29.28
N ALA B 144 -18.81 -37.74 -28.11
CA ALA B 144 -17.77 -38.71 -27.83
C ALA B 144 -18.35 -39.81 -26.95
N LYS B 145 -17.66 -40.96 -26.93
CA LYS B 145 -18.07 -42.11 -26.15
C LYS B 145 -16.88 -42.59 -25.32
N VAL B 146 -17.00 -42.44 -24.00
CA VAL B 146 -16.05 -42.97 -23.04
C VAL B 146 -16.58 -44.31 -22.53
N GLN B 147 -15.69 -45.31 -22.46
CA GLN B 147 -16.11 -46.61 -21.97
C GLN B 147 -15.04 -47.16 -21.02
N TRP B 148 -15.50 -47.60 -19.84
CA TRP B 148 -14.61 -48.03 -18.77
C TRP B 148 -14.40 -49.54 -18.78
N LYS B 149 -13.24 -49.93 -18.28
CA LYS B 149 -12.77 -51.28 -18.05
C LYS B 149 -11.32 -51.15 -17.63
N VAL B 150 -11.03 -51.39 -16.35
CA VAL B 150 -9.72 -51.06 -15.80
C VAL B 150 -9.11 -52.33 -15.23
N ASP B 151 -8.10 -52.88 -15.91
CA ASP B 151 -7.60 -54.21 -15.59
C ASP B 151 -8.79 -55.17 -15.63
N ASN B 152 -9.67 -55.02 -16.64
CA ASN B 152 -11.02 -55.57 -16.58
C ASN B 152 -11.72 -55.49 -17.95
N ALA B 153 -12.97 -55.98 -17.97
CA ALA B 153 -13.88 -55.81 -19.11
C ALA B 153 -14.81 -54.63 -18.84
N LEU B 154 -15.86 -54.56 -19.67
CA LEU B 154 -16.64 -53.34 -19.82
C LEU B 154 -17.51 -53.13 -18.59
N GLN B 155 -17.27 -52.01 -17.89
CA GLN B 155 -18.09 -51.60 -16.77
C GLN B 155 -19.29 -50.82 -17.31
N SER B 156 -20.49 -51.35 -17.06
CA SER B 156 -21.71 -50.83 -17.66
C SER B 156 -22.60 -50.22 -16.59
N GLY B 157 -22.67 -48.88 -16.56
CA GLY B 157 -23.67 -48.20 -15.74
C GLY B 157 -23.10 -47.23 -14.70
N ASN B 158 -21.90 -47.52 -14.18
CA ASN B 158 -21.37 -46.84 -13.00
C ASN B 158 -20.44 -45.68 -13.38
N SER B 159 -20.51 -45.27 -14.65
CA SER B 159 -19.79 -44.11 -15.16
C SER B 159 -20.76 -42.94 -15.26
N GLN B 160 -20.24 -41.72 -15.10
CA GLN B 160 -21.01 -40.49 -15.27
C GLN B 160 -20.11 -39.43 -15.90
N GLU B 161 -20.61 -38.81 -16.98
CA GLU B 161 -19.81 -37.79 -17.66
C GLU B 161 -20.46 -36.42 -17.53
N SER B 162 -19.61 -35.39 -17.45
CA SER B 162 -20.03 -34.00 -17.53
C SER B 162 -19.16 -33.26 -18.54
N VAL B 163 -19.75 -32.28 -19.24
CA VAL B 163 -19.05 -31.65 -20.35
C VAL B 163 -19.12 -30.13 -20.23
N THR B 164 -17.95 -29.51 -20.37
CA THR B 164 -17.87 -28.07 -20.28
C THR B 164 -18.73 -27.44 -21.36
N GLU B 165 -19.06 -26.16 -21.21
CA GLU B 165 -19.60 -25.42 -22.33
C GLU B 165 -18.45 -25.04 -23.26
N GLN B 166 -18.80 -24.56 -24.46
CA GLN B 166 -17.81 -24.33 -25.51
C GLN B 166 -16.87 -23.21 -25.09
N ASP B 167 -15.59 -23.33 -25.47
CA ASP B 167 -14.58 -22.34 -25.15
C ASP B 167 -14.91 -21.04 -25.87
N SER B 168 -14.59 -19.92 -25.23
CA SER B 168 -15.04 -18.60 -25.68
C SER B 168 -14.22 -18.13 -26.88
N LYS B 169 -12.99 -18.63 -27.01
CA LYS B 169 -12.21 -18.32 -28.20
C LYS B 169 -12.05 -19.57 -29.07
N ASP B 170 -11.70 -20.67 -28.42
CA ASP B 170 -11.18 -21.88 -29.06
C ASP B 170 -12.33 -22.79 -29.53
N SER B 171 -13.51 -22.58 -28.94
CA SER B 171 -14.75 -23.23 -29.34
C SER B 171 -14.63 -24.75 -29.25
N THR B 172 -13.79 -25.21 -28.34
CA THR B 172 -13.74 -26.64 -28.09
C THR B 172 -14.57 -27.00 -26.87
N TYR B 173 -14.79 -28.31 -26.73
CA TYR B 173 -15.43 -28.91 -25.57
C TYR B 173 -14.37 -29.66 -24.76
N SER B 174 -14.60 -29.79 -23.45
CA SER B 174 -13.81 -30.65 -22.57
C SER B 174 -14.76 -31.47 -21.70
N LEU B 175 -14.35 -32.71 -21.42
CA LEU B 175 -15.24 -33.66 -20.79
C LEU B 175 -14.49 -34.48 -19.73
N SER B 176 -15.19 -34.76 -18.61
CA SER B 176 -14.72 -35.59 -17.51
C SER B 176 -15.70 -36.73 -17.28
N SER B 177 -15.17 -37.96 -17.11
CA SER B 177 -15.99 -39.13 -16.87
C SER B 177 -15.48 -39.86 -15.63
N THR B 178 -16.42 -40.24 -14.75
CA THR B 178 -16.05 -40.77 -13.44
C THR B 178 -16.64 -42.17 -13.24
N LEU B 179 -15.75 -43.16 -13.17
CA LEU B 179 -16.14 -44.51 -12.75
C LEU B 179 -16.01 -44.60 -11.24
N THR B 180 -17.09 -45.04 -10.59
CA THR B 180 -17.09 -45.18 -9.14
C THR B 180 -17.13 -46.66 -8.78
N LEU B 181 -16.32 -47.00 -7.76
CA LEU B 181 -16.18 -48.37 -7.27
C LEU B 181 -16.09 -48.32 -5.75
N SER B 182 -16.46 -49.45 -5.12
CA SER B 182 -16.11 -49.70 -3.73
C SER B 182 -14.60 -49.82 -3.62
N LYS B 183 -14.05 -49.43 -2.46
CA LYS B 183 -12.63 -49.62 -2.17
C LYS B 183 -12.25 -51.09 -2.39
N ALA B 184 -13.12 -52.00 -1.93
CA ALA B 184 -12.92 -53.44 -2.05
C ALA B 184 -12.79 -53.84 -3.53
N ASP B 185 -13.81 -53.50 -4.32
CA ASP B 185 -13.87 -53.79 -5.75
C ASP B 185 -12.63 -53.24 -6.46
N TYR B 186 -12.27 -51.98 -6.15
CA TYR B 186 -11.09 -51.37 -6.73
C TYR B 186 -9.85 -52.23 -6.46
N GLU B 187 -9.67 -52.63 -5.20
CA GLU B 187 -8.49 -53.38 -4.76
C GLU B 187 -8.48 -54.79 -5.36
N LYS B 188 -9.64 -55.23 -5.86
CA LYS B 188 -9.79 -56.54 -6.47
C LYS B 188 -8.97 -56.63 -7.76
N HIS B 189 -9.03 -55.59 -8.61
CA HIS B 189 -8.48 -55.65 -9.96
C HIS B 189 -7.39 -54.60 -10.16
N ALA B 193 -8.75 -48.47 -17.25
CA ALA B 193 -8.68 -47.91 -18.61
C ALA B 193 -9.98 -47.23 -19.01
N CYS B 194 -9.82 -46.18 -19.81
CA CYS B 194 -10.93 -45.47 -20.40
C CYS B 194 -10.65 -45.33 -21.89
N GLU B 195 -11.63 -45.75 -22.69
CA GLU B 195 -11.48 -45.91 -24.13
C GLU B 195 -12.42 -44.95 -24.84
N VAL B 196 -11.82 -43.97 -25.53
CA VAL B 196 -12.53 -42.85 -26.13
C VAL B 196 -12.74 -43.13 -27.62
N THR B 197 -13.96 -42.86 -28.10
CA THR B 197 -14.31 -42.96 -29.51
C THR B 197 -14.86 -41.62 -29.98
N HIS B 198 -14.23 -41.05 -31.02
CA HIS B 198 -14.50 -39.69 -31.46
C HIS B 198 -14.13 -39.53 -32.93
N GLN B 199 -14.94 -38.73 -33.65
CA GLN B 199 -14.79 -38.59 -35.09
C GLN B 199 -13.38 -38.12 -35.44
N GLY B 200 -12.73 -37.36 -34.53
CA GLY B 200 -11.39 -36.83 -34.75
C GLY B 200 -10.29 -37.84 -34.42
N LEU B 201 -10.64 -39.12 -34.34
CA LEU B 201 -9.68 -40.18 -34.06
C LEU B 201 -9.78 -41.25 -35.14
N SER B 202 -8.63 -41.62 -35.71
CA SER B 202 -8.52 -42.70 -36.69
C SER B 202 -9.17 -43.98 -36.14
N SER B 203 -8.80 -44.33 -34.90
CA SER B 203 -9.39 -45.46 -34.20
C SER B 203 -9.30 -45.24 -32.69
N PRO B 204 -10.21 -45.87 -31.89
CA PRO B 204 -10.30 -45.62 -30.44
C PRO B 204 -9.00 -45.57 -29.61
N VAL B 205 -8.76 -44.42 -28.94
CA VAL B 205 -7.63 -44.18 -28.06
C VAL B 205 -8.01 -44.67 -26.65
N THR B 206 -7.04 -45.28 -25.96
CA THR B 206 -7.21 -45.79 -24.60
C THR B 206 -6.11 -45.21 -23.70
N LYS B 207 -6.46 -44.99 -22.42
CA LYS B 207 -5.53 -44.57 -21.40
C LYS B 207 -5.76 -45.40 -20.13
N SER B 208 -4.67 -45.97 -19.56
CA SER B 208 -4.80 -46.87 -18.41
C SER B 208 -3.55 -46.91 -17.52
N PHE B 209 -3.79 -47.25 -16.24
CA PHE B 209 -2.76 -47.62 -15.27
C PHE B 209 -3.10 -49.00 -14.71
N ASN B 210 -2.07 -49.65 -14.16
CA ASN B 210 -2.16 -51.07 -13.82
C ASN B 210 -1.42 -51.32 -12.50
N ILE C 7 -0.60 18.68 24.56
CA ILE C 7 0.55 19.56 24.17
C ILE C 7 0.80 19.39 22.68
N ALA C 8 0.90 20.53 21.97
CA ALA C 8 0.95 20.64 20.50
C ALA C 8 2.10 19.85 19.89
N GLU C 9 2.02 19.66 18.56
CA GLU C 9 3.09 19.10 17.74
C GLU C 9 3.22 19.89 16.44
N PRO C 10 4.30 19.69 15.65
CA PRO C 10 4.67 20.66 14.62
C PRO C 10 3.95 20.45 13.30
N ALA C 11 3.31 21.52 12.80
CA ALA C 11 2.49 21.52 11.61
C ALA C 11 3.28 21.16 10.35
N MET C 12 2.69 20.31 9.50
CA MET C 12 3.23 19.89 8.20
C MET C 12 2.43 20.53 7.08
N ILE C 13 3.13 21.15 6.12
CA ILE C 13 2.45 21.83 5.03
C ILE C 13 1.79 20.79 4.13
N ALA C 14 0.61 21.15 3.64
CA ALA C 14 -0.06 20.35 2.63
C ALA C 14 0.65 20.57 1.30
N GLU C 15 1.33 19.53 0.83
CA GLU C 15 2.13 19.74 -0.37
C GLU C 15 1.22 19.82 -1.60
N CYS C 16 1.78 20.41 -2.66
CA CYS C 16 1.12 20.50 -3.94
C CYS C 16 1.19 19.14 -4.65
N LYS C 17 0.07 18.40 -4.57
CA LYS C 17 -0.10 17.12 -5.25
C LYS C 17 -1.59 16.84 -5.50
N THR C 18 -1.82 15.75 -6.24
CA THR C 18 -3.16 15.33 -6.63
C THR C 18 -3.78 14.56 -5.48
N ARG C 19 -5.04 14.92 -5.20
CA ARG C 19 -5.74 14.37 -4.05
C ARG C 19 -7.17 14.05 -4.45
N THR C 20 -7.67 12.85 -4.03
CA THR C 20 -9.02 12.38 -4.29
C THR C 20 -10.05 13.32 -3.69
N GLU C 21 -10.98 13.81 -4.50
CA GLU C 21 -12.03 14.73 -4.09
C GLU C 21 -13.38 14.18 -4.54
N VAL C 22 -14.47 14.73 -3.98
CA VAL C 22 -15.80 14.26 -4.32
C VAL C 22 -16.50 15.33 -5.14
N PHE C 23 -16.87 14.99 -6.38
CA PHE C 23 -17.54 15.92 -7.27
C PHE C 23 -19.02 15.54 -7.37
N GLU C 24 -19.90 16.50 -7.06
CA GLU C 24 -21.34 16.33 -7.16
C GLU C 24 -21.79 16.62 -8.59
N ILE C 25 -22.66 15.75 -9.15
CA ILE C 25 -23.15 15.86 -10.52
C ILE C 25 -24.44 16.67 -10.55
N SER C 26 -24.34 17.90 -11.07
CA SER C 26 -25.37 18.91 -10.88
C SER C 26 -26.40 18.81 -12.00
N ARG C 27 -27.50 19.57 -11.83
CA ARG C 27 -28.61 19.67 -12.77
C ARG C 27 -28.14 20.30 -14.07
N ARG C 28 -27.41 21.42 -13.95
CA ARG C 28 -26.97 22.21 -15.08
C ARG C 28 -26.05 21.42 -16.01
N LEU C 29 -25.46 20.32 -15.50
CA LEU C 29 -24.52 19.53 -16.28
C LEU C 29 -25.24 18.64 -17.30
N ILE C 30 -26.54 18.38 -17.11
CA ILE C 30 -27.33 17.58 -18.05
C ILE C 30 -28.54 18.36 -18.61
N ASP C 31 -29.14 19.25 -17.82
CA ASP C 31 -30.35 19.96 -18.22
C ASP C 31 -30.64 21.15 -17.30
N ARG C 32 -30.50 22.37 -17.84
CA ARG C 32 -30.85 23.58 -17.11
C ARG C 32 -32.35 23.86 -17.22
N THR C 33 -32.89 23.62 -18.43
CA THR C 33 -34.22 24.05 -18.85
C THR C 33 -35.31 23.42 -18.00
N ASN C 34 -35.11 22.13 -17.66
CA ASN C 34 -35.98 21.39 -16.75
C ASN C 34 -35.13 20.71 -15.67
N ALA C 35 -35.08 21.31 -14.48
CA ALA C 35 -34.36 20.75 -13.35
C ALA C 35 -35.35 19.99 -12.46
N ASN C 36 -36.24 19.21 -13.08
CA ASN C 36 -37.27 18.45 -12.37
C ASN C 36 -36.97 16.95 -12.49
N PHE C 37 -35.73 16.58 -12.21
CA PHE C 37 -35.24 15.23 -12.41
C PHE C 37 -34.01 14.98 -11.52
N LEU C 38 -33.53 13.73 -11.50
CA LEU C 38 -32.48 13.27 -10.60
C LEU C 38 -31.40 12.55 -11.38
N VAL C 39 -30.35 12.13 -10.67
CA VAL C 39 -29.15 11.56 -11.28
C VAL C 39 -28.59 10.48 -10.37
N TRP C 40 -28.14 9.37 -10.97
CA TRP C 40 -27.48 8.34 -10.18
C TRP C 40 -26.20 7.91 -10.86
N PRO C 41 -25.04 7.78 -10.16
CA PRO C 41 -24.89 8.20 -8.77
C PRO C 41 -24.93 9.71 -8.65
N PRO C 42 -25.16 10.28 -7.45
CA PRO C 42 -25.27 11.72 -7.29
C PRO C 42 -23.92 12.45 -7.28
N CYS C 43 -22.84 11.68 -7.15
CA CYS C 43 -21.49 12.22 -7.08
C CYS C 43 -20.47 11.10 -7.26
N VAL C 44 -19.30 11.51 -7.76
CA VAL C 44 -18.19 10.63 -8.13
C VAL C 44 -16.88 11.19 -7.58
N GLU C 45 -15.91 10.29 -7.35
CA GLU C 45 -14.54 10.64 -7.02
C GLU C 45 -13.81 11.16 -8.26
N VAL C 46 -12.88 12.11 -8.04
CA VAL C 46 -12.07 12.74 -9.07
C VAL C 46 -10.66 12.95 -8.48
N GLN C 47 -9.66 13.31 -9.30
CA GLN C 47 -8.37 13.75 -8.79
C GLN C 47 -8.23 15.23 -9.08
N ARG C 48 -7.86 16.01 -8.07
CA ARG C 48 -7.57 17.43 -8.26
C ARG C 48 -6.26 17.78 -7.55
N CYS C 49 -5.60 18.83 -8.06
CA CYS C 49 -4.49 19.46 -7.37
C CYS C 49 -5.05 20.27 -6.21
N SER C 50 -4.36 20.17 -5.07
CA SER C 50 -4.62 20.93 -3.87
C SER C 50 -3.33 20.95 -3.08
N GLY C 51 -3.21 21.89 -2.15
CA GLY C 51 -1.98 21.96 -1.39
C GLY C 51 -1.27 23.30 -1.57
N CYS C 52 -0.32 23.57 -0.70
CA CYS C 52 0.25 24.90 -0.66
C CYS C 52 1.63 24.82 -1.24
N CYS C 53 2.18 25.99 -1.59
CA CYS C 53 3.50 26.04 -2.19
C CYS C 53 4.51 26.63 -1.20
N ASN C 54 5.72 26.07 -1.27
CA ASN C 54 6.85 26.49 -0.47
C ASN C 54 7.31 27.88 -0.88
N ASN C 55 7.37 28.16 -2.19
CA ASN C 55 7.86 29.47 -2.58
C ASN C 55 6.76 30.50 -2.60
N ARG C 56 7.21 31.75 -2.51
CA ARG C 56 6.36 32.92 -2.50
C ARG C 56 5.79 33.10 -3.90
N ASN C 57 4.48 33.38 -3.96
CA ASN C 57 3.80 33.72 -5.21
C ASN C 57 3.83 32.58 -6.22
N VAL C 58 3.65 31.35 -5.72
CA VAL C 58 3.42 30.21 -6.59
C VAL C 58 2.15 29.47 -6.12
N GLN C 59 1.15 29.46 -7.00
CA GLN C 59 -0.05 28.69 -6.75
C GLN C 59 0.21 27.25 -7.20
N CYS C 60 -0.53 26.34 -6.57
CA CYS C 60 -0.49 24.94 -6.93
C CYS C 60 -1.47 24.76 -8.08
N ARG C 61 -0.97 24.25 -9.21
CA ARG C 61 -1.78 24.10 -10.42
C ARG C 61 -1.41 22.82 -11.19
N PRO C 62 -2.31 22.36 -12.08
CA PRO C 62 -2.15 21.06 -12.73
C PRO C 62 -1.31 21.18 -13.98
N THR C 63 -0.36 20.25 -14.11
CA THR C 63 0.48 20.16 -15.30
C THR C 63 -0.20 19.33 -16.39
N GLN C 64 -0.83 18.21 -15.98
CA GLN C 64 -1.49 17.25 -16.86
C GLN C 64 -2.94 16.96 -16.42
N VAL C 65 -3.95 17.33 -17.23
CA VAL C 65 -5.34 16.98 -16.92
C VAL C 65 -5.82 15.87 -17.86
N GLN C 66 -6.53 14.88 -17.33
CA GLN C 66 -7.09 13.79 -18.14
C GLN C 66 -8.60 13.94 -18.21
N LEU C 67 -9.16 13.89 -19.43
CA LEU C 67 -10.62 13.83 -19.48
C LEU C 67 -11.04 12.37 -19.42
N ARG C 68 -12.13 12.13 -18.68
CA ARG C 68 -12.68 10.81 -18.39
C ARG C 68 -14.21 10.91 -18.46
N PRO C 69 -14.83 10.41 -19.55
CA PRO C 69 -16.29 10.37 -19.66
C PRO C 69 -16.87 9.19 -18.89
N VAL C 70 -18.03 9.41 -18.28
CA VAL C 70 -18.60 8.37 -17.44
C VAL C 70 -20.10 8.36 -17.65
N GLN C 71 -20.69 7.16 -17.60
CA GLN C 71 -22.11 6.99 -17.79
C GLN C 71 -22.80 6.96 -16.43
N VAL C 72 -23.91 7.71 -16.38
CA VAL C 72 -24.82 7.79 -15.25
C VAL C 72 -26.23 7.52 -15.74
N ARG C 73 -27.23 7.65 -14.86
CA ARG C 73 -28.62 7.58 -15.27
C ARG C 73 -29.35 8.88 -14.90
N LYS C 74 -30.15 9.38 -15.84
CA LYS C 74 -31.02 10.52 -15.58
C LYS C 74 -32.41 9.96 -15.29
N ILE C 75 -32.98 10.32 -14.15
CA ILE C 75 -34.29 9.85 -13.78
C ILE C 75 -35.24 11.04 -13.82
N GLU C 76 -36.03 11.12 -14.90
CA GLU C 76 -36.95 12.23 -15.08
C GLU C 76 -38.26 11.89 -14.40
N ILE C 77 -38.69 12.77 -13.49
CA ILE C 77 -40.07 12.70 -13.03
C ILE C 77 -40.91 13.24 -14.18
N VAL C 78 -41.38 12.36 -15.08
CA VAL C 78 -42.18 12.80 -16.23
C VAL C 78 -43.62 13.01 -15.75
N ARG C 79 -43.88 14.18 -15.17
CA ARG C 79 -45.04 14.32 -14.32
C ARG C 79 -45.02 13.14 -13.35
N LYS C 80 -46.01 12.25 -13.39
CA LYS C 80 -46.06 11.34 -12.25
C LYS C 80 -45.18 10.09 -12.40
N LYS C 81 -44.48 9.89 -13.53
CA LYS C 81 -43.87 8.58 -13.76
C LYS C 81 -42.37 8.66 -14.11
N PRO C 82 -41.52 7.96 -13.32
CA PRO C 82 -40.08 7.84 -13.59
C PRO C 82 -39.69 7.32 -14.97
N ILE C 83 -38.66 7.96 -15.54
CA ILE C 83 -38.03 7.53 -16.78
C ILE C 83 -36.54 7.41 -16.57
N PHE C 84 -35.98 6.30 -17.05
CA PHE C 84 -34.57 6.04 -16.86
C PHE C 84 -33.82 6.14 -18.17
N LYS C 85 -33.09 7.25 -18.35
CA LYS C 85 -32.26 7.44 -19.52
C LYS C 85 -30.82 7.29 -19.07
N LYS C 86 -29.97 6.73 -19.93
CA LYS C 86 -28.53 6.79 -19.69
C LYS C 86 -28.01 8.17 -20.11
N ALA C 87 -26.93 8.64 -19.46
CA ALA C 87 -26.31 9.91 -19.79
C ALA C 87 -24.83 9.85 -19.47
N THR C 88 -24.03 10.48 -20.34
CA THR C 88 -22.59 10.51 -20.16
C THR C 88 -22.21 11.89 -19.66
N VAL C 89 -21.30 11.91 -18.68
CA VAL C 89 -20.71 13.14 -18.21
C VAL C 89 -19.20 12.98 -18.27
N THR C 90 -18.52 14.11 -18.55
CA THR C 90 -17.07 14.12 -18.66
C THR C 90 -16.47 14.71 -17.41
N LEU C 91 -15.57 13.92 -16.81
CA LEU C 91 -14.84 14.24 -15.59
C LEU C 91 -13.44 14.74 -15.94
N GLU C 92 -13.01 15.84 -15.29
CA GLU C 92 -11.67 16.38 -15.44
C GLU C 92 -10.78 15.98 -14.24
N ASP C 93 -9.86 15.03 -14.48
CA ASP C 93 -8.90 14.52 -13.51
C ASP C 93 -7.52 15.16 -13.65
N HIS C 94 -6.93 15.62 -12.54
CA HIS C 94 -5.56 16.13 -12.54
C HIS C 94 -4.63 14.96 -12.25
N LEU C 95 -3.49 14.89 -12.93
CA LEU C 95 -2.62 13.75 -12.72
C LEU C 95 -1.26 14.19 -12.19
N ALA C 96 -0.88 15.46 -12.43
CA ALA C 96 0.32 15.97 -11.81
C ALA C 96 0.16 17.46 -11.55
N CYS C 97 0.94 17.95 -10.57
CA CYS C 97 0.86 19.33 -10.14
C CYS C 97 2.27 19.94 -10.16
N LYS C 98 2.33 21.26 -10.27
CA LYS C 98 3.56 22.03 -10.14
C LYS C 98 3.21 23.37 -9.48
N CYS C 99 4.15 23.94 -8.72
CA CYS C 99 3.98 25.29 -8.21
C CYS C 99 4.34 26.27 -9.31
N GLU C 100 3.37 27.09 -9.74
CA GLU C 100 3.59 27.96 -10.88
C GLU C 100 3.17 29.40 -10.53
N THR C 101 3.70 30.37 -11.26
CA THR C 101 3.69 31.75 -10.79
C THR C 101 2.25 32.29 -10.62
N ILE D 7 -16.70 6.17 -26.25
CA ILE D 7 -15.91 6.58 -25.08
C ILE D 7 -16.34 5.79 -23.85
N ALA D 8 -17.60 5.99 -23.38
CA ALA D 8 -17.99 5.99 -21.96
C ALA D 8 -17.73 4.68 -21.22
N GLU D 9 -17.71 4.79 -19.88
CA GLU D 9 -17.64 3.68 -18.95
C GLU D 9 -18.50 3.99 -17.72
N PRO D 10 -18.79 3.01 -16.85
CA PRO D 10 -19.89 3.14 -15.90
C PRO D 10 -19.51 3.84 -14.59
N ALA D 11 -20.27 4.87 -14.25
CA ALA D 11 -20.00 5.73 -13.09
C ALA D 11 -20.07 4.98 -11.76
N MET D 12 -19.11 5.28 -10.87
CA MET D 12 -19.00 4.71 -9.54
C MET D 12 -19.33 5.78 -8.51
N ILE D 13 -20.20 5.44 -7.54
CA ILE D 13 -20.59 6.41 -6.53
C ILE D 13 -19.41 6.68 -5.62
N ALA D 14 -19.30 7.94 -5.22
CA ALA D 14 -18.36 8.30 -4.18
C ALA D 14 -18.92 7.83 -2.83
N GLU D 15 -18.28 6.82 -2.23
CA GLU D 15 -18.84 6.29 -1.01
C GLU D 15 -18.62 7.24 0.16
N CYS D 16 -19.43 7.06 1.20
CA CYS D 16 -19.31 7.80 2.44
C CYS D 16 -18.13 7.25 3.24
N LYS D 17 -17.00 7.95 3.17
CA LYS D 17 -15.80 7.63 3.93
C LYS D 17 -14.94 8.88 4.14
N THR D 18 -13.88 8.70 4.93
CA THR D 18 -12.95 9.76 5.29
C THR D 18 -11.95 9.93 4.16
N ARG D 19 -11.73 11.19 3.81
CA ARG D 19 -10.89 11.54 2.68
C ARG D 19 -10.02 12.73 3.04
N THR D 20 -8.72 12.66 2.69
CA THR D 20 -7.74 13.72 2.90
C THR D 20 -8.14 15.00 2.17
N GLU D 21 -8.22 16.10 2.90
CA GLU D 21 -8.61 17.41 2.36
C GLU D 21 -7.58 18.44 2.79
N VAL D 22 -7.60 19.61 2.17
CA VAL D 22 -6.61 20.65 2.46
C VAL D 22 -7.34 21.80 3.14
N PHE D 23 -6.95 22.08 4.39
CA PHE D 23 -7.56 23.15 5.18
C PHE D 23 -6.60 24.32 5.23
N GLU D 24 -7.08 25.49 4.81
CA GLU D 24 -6.32 26.73 4.86
C GLU D 24 -6.48 27.36 6.24
N ILE D 25 -5.36 27.82 6.83
CA ILE D 25 -5.35 28.40 8.16
C ILE D 25 -5.54 29.93 8.07
N SER D 26 -6.74 30.38 8.48
CA SER D 26 -7.22 31.72 8.17
C SER D 26 -6.76 32.70 9.23
N ARG D 27 -6.99 33.99 8.93
CA ARG D 27 -6.66 35.12 9.79
C ARG D 27 -7.51 35.08 11.05
N ARG D 28 -8.82 34.87 10.86
CA ARG D 28 -9.83 34.88 11.92
C ARG D 28 -9.52 33.82 12.99
N LEU D 29 -8.75 32.78 12.62
CA LEU D 29 -8.46 31.67 13.51
C LEU D 29 -7.41 32.03 14.57
N ILE D 30 -6.60 33.09 14.32
CA ILE D 30 -5.61 33.57 15.29
C ILE D 30 -5.86 35.02 15.73
N ASP D 31 -6.38 35.88 14.83
CA ASP D 31 -6.50 37.31 15.10
C ASP D 31 -7.35 38.00 14.03
N ARG D 32 -8.52 38.54 14.42
CA ARG D 32 -9.31 39.30 13.46
C ARG D 32 -8.85 40.76 13.39
N THR D 33 -8.46 41.32 14.56
CA THR D 33 -8.08 42.72 14.69
C THR D 33 -7.05 43.14 13.66
N ASN D 34 -7.56 43.66 12.52
CA ASN D 34 -6.86 44.24 11.38
C ASN D 34 -5.83 43.30 10.73
N ALA D 35 -6.10 42.00 10.80
CA ALA D 35 -5.28 40.91 10.28
C ALA D 35 -4.20 41.35 9.29
N ASN D 36 -3.08 41.88 9.80
CA ASN D 36 -2.00 42.42 9.00
C ASN D 36 -0.76 41.56 9.18
N PHE D 37 -0.93 40.24 9.02
CA PHE D 37 0.11 39.28 9.38
C PHE D 37 -0.08 37.98 8.60
N LEU D 38 0.87 37.03 8.73
CA LEU D 38 0.89 35.81 7.94
C LEU D 38 1.05 34.60 8.86
N VAL D 39 1.02 33.41 8.25
CA VAL D 39 1.01 32.14 8.96
C VAL D 39 1.82 31.12 8.19
N TRP D 40 2.60 30.31 8.89
CA TRP D 40 3.32 29.22 8.23
C TRP D 40 3.14 27.94 9.02
N PRO D 41 2.80 26.78 8.38
CA PRO D 41 2.44 26.71 6.97
C PRO D 41 1.08 27.36 6.73
N PRO D 42 0.72 27.71 5.48
CA PRO D 42 -0.54 28.41 5.23
C PRO D 42 -1.74 27.47 5.18
N CYS D 43 -1.48 26.15 5.14
CA CYS D 43 -2.53 25.15 5.10
C CYS D 43 -1.96 23.77 5.45
N VAL D 44 -2.85 22.93 5.98
CA VAL D 44 -2.54 21.59 6.46
C VAL D 44 -3.58 20.60 5.92
N GLU D 45 -3.14 19.33 5.77
CA GLU D 45 -4.02 18.20 5.49
C GLU D 45 -4.86 17.85 6.72
N VAL D 46 -6.09 17.40 6.47
CA VAL D 46 -7.07 16.99 7.47
C VAL D 46 -7.79 15.74 6.94
N GLN D 47 -8.57 15.04 7.78
CA GLN D 47 -9.48 14.01 7.31
C GLN D 47 -10.90 14.52 7.50
N ARG D 48 -11.70 14.43 6.44
CA ARG D 48 -13.11 14.75 6.54
C ARG D 48 -13.94 13.65 5.87
N CYS D 49 -15.19 13.51 6.33
CA CYS D 49 -16.18 12.72 5.66
C CYS D 49 -16.63 13.47 4.41
N SER D 50 -16.77 12.71 3.32
CA SER D 50 -17.31 13.18 2.04
C SER D 50 -17.83 11.96 1.33
N GLY D 51 -18.70 12.17 0.34
CA GLY D 51 -19.24 11.01 -0.36
C GLY D 51 -20.77 10.93 -0.26
N CYS D 52 -21.35 10.09 -1.11
CA CYS D 52 -22.80 10.12 -1.23
C CYS D 52 -23.32 8.87 -0.57
N CYS D 53 -24.62 8.86 -0.29
CA CYS D 53 -25.23 7.73 0.37
C CYS D 53 -26.15 6.98 -0.60
N ASN D 54 -26.15 5.66 -0.46
CA ASN D 54 -26.97 4.75 -1.22
C ASN D 54 -28.44 4.92 -0.86
N ASN D 55 -28.78 5.09 0.42
CA ASN D 55 -30.19 5.20 0.74
C ASN D 55 -30.68 6.63 0.63
N ARG D 56 -32.00 6.75 0.46
CA ARG D 56 -32.66 8.03 0.28
C ARG D 56 -32.67 8.73 1.63
N ASN D 57 -32.37 10.03 1.64
CA ASN D 57 -32.47 10.87 2.84
C ASN D 57 -31.49 10.41 3.93
N VAL D 58 -30.28 10.03 3.52
CA VAL D 58 -29.18 9.82 4.46
C VAL D 58 -27.97 10.63 4.00
N GLN D 59 -27.59 11.61 4.83
CA GLN D 59 -26.40 12.39 4.58
C GLN D 59 -25.22 11.62 5.14
N CYS D 60 -24.05 11.85 4.55
CA CYS D 60 -22.80 11.29 5.01
C CYS D 60 -22.29 12.20 6.12
N ARG D 61 -22.09 11.62 7.30
CA ARG D 61 -21.69 12.40 8.47
C ARG D 61 -20.74 11.60 9.36
N PRO D 62 -19.98 12.31 10.23
CA PRO D 62 -18.89 11.69 10.99
C PRO D 62 -19.43 11.08 12.26
N THR D 63 -18.96 9.85 12.53
CA THR D 63 -19.29 9.15 13.76
C THR D 63 -18.30 9.51 14.86
N GLN D 64 -17.01 9.61 14.49
CA GLN D 64 -15.89 9.85 15.38
C GLN D 64 -15.01 11.01 14.90
N VAL D 65 -14.95 12.13 15.63
CA VAL D 65 -14.03 13.21 15.28
C VAL D 65 -12.89 13.26 16.29
N GLN D 66 -11.65 13.43 15.80
CA GLN D 66 -10.48 13.54 16.65
C GLN D 66 -9.98 14.98 16.65
N LEU D 67 -9.76 15.55 17.83
CA LEU D 67 -9.12 16.86 17.82
C LEU D 67 -7.62 16.65 17.85
N ARG D 68 -6.92 17.49 17.08
CA ARG D 68 -5.49 17.45 16.85
C ARG D 68 -4.95 18.88 16.84
N PRO D 69 -4.30 19.33 17.94
CA PRO D 69 -3.66 20.64 17.97
C PRO D 69 -2.30 20.62 17.28
N VAL D 70 -1.98 21.72 16.62
CA VAL D 70 -0.75 21.75 15.85
C VAL D 70 -0.15 23.12 16.02
N GLN D 71 1.20 23.16 16.06
CA GLN D 71 1.92 24.42 16.19
C GLN D 71 2.30 24.93 14.81
N VAL D 72 2.08 26.25 14.64
CA VAL D 72 2.45 27.02 13.45
C VAL D 72 3.23 28.25 13.90
N ARG D 73 3.57 29.13 12.96
CA ARG D 73 4.19 30.40 13.30
C ARG D 73 3.34 31.57 12.79
N LYS D 74 3.17 32.58 13.63
CA LYS D 74 2.50 33.79 13.22
C LYS D 74 3.57 34.84 12.93
N ILE D 75 3.55 35.40 11.72
CA ILE D 75 4.54 36.38 11.33
C ILE D 75 3.85 37.73 11.21
N GLU D 76 4.04 38.58 12.22
CA GLU D 76 3.40 39.88 12.25
C GLU D 76 4.28 40.88 11.52
N ILE D 77 3.72 41.53 10.49
CA ILE D 77 4.38 42.69 9.93
C ILE D 77 4.14 43.82 10.93
N VAL D 78 5.09 44.02 11.87
CA VAL D 78 4.94 45.09 12.84
C VAL D 78 5.35 46.43 12.21
N ARG D 79 4.38 47.00 11.49
CA ARG D 79 4.48 48.17 10.62
C ARG D 79 5.93 48.47 10.24
N LYS D 80 6.65 47.45 9.77
CA LYS D 80 8.04 47.61 9.40
C LYS D 80 8.74 46.27 9.44
N LYS D 81 8.73 45.64 10.62
CA LYS D 81 9.64 44.54 10.89
C LYS D 81 8.91 43.26 11.31
N PRO D 82 9.22 42.14 10.61
CA PRO D 82 8.75 40.81 10.99
C PRO D 82 8.94 40.40 12.45
N ILE D 83 7.91 39.74 13.01
CA ILE D 83 7.97 39.11 14.32
C ILE D 83 7.50 37.67 14.18
N PHE D 84 8.26 36.74 14.76
CA PHE D 84 7.93 35.34 14.67
C PHE D 84 7.46 34.81 16.02
N LYS D 85 6.14 34.62 16.15
CA LYS D 85 5.57 34.01 17.34
C LYS D 85 5.14 32.60 17.00
N LYS D 86 5.27 31.66 17.94
CA LYS D 86 4.63 30.36 17.77
C LYS D 86 3.14 30.48 18.10
N ALA D 87 2.31 29.64 17.49
CA ALA D 87 0.86 29.62 17.72
C ALA D 87 0.32 28.21 17.47
N THR D 88 -0.64 27.81 18.30
CA THR D 88 -1.25 26.50 18.16
C THR D 88 -2.63 26.67 17.52
N VAL D 89 -2.95 25.76 16.59
CA VAL D 89 -4.31 25.68 16.11
C VAL D 89 -4.76 24.22 16.24
N THR D 90 -6.07 24.07 16.47
CA THR D 90 -6.68 22.78 16.68
C THR D 90 -7.43 22.39 15.42
N LEU D 91 -7.04 21.21 14.92
CA LEU D 91 -7.58 20.60 13.72
C LEU D 91 -8.63 19.55 14.10
N GLU D 92 -9.77 19.56 13.39
CA GLU D 92 -10.82 18.58 13.57
C GLU D 92 -10.77 17.53 12.44
N ASP D 93 -10.31 16.33 12.80
CA ASP D 93 -10.18 15.17 11.91
C ASP D 93 -11.34 14.18 12.08
N HIS D 94 -11.96 13.75 10.97
CA HIS D 94 -13.00 12.73 11.01
C HIS D 94 -12.32 11.39 10.83
N LEU D 95 -12.75 10.36 11.56
CA LEU D 95 -12.06 9.08 11.47
C LEU D 95 -12.99 7.98 10.99
N ALA D 96 -14.29 8.17 11.19
CA ALA D 96 -15.25 7.25 10.59
C ALA D 96 -16.52 8.02 10.23
N CYS D 97 -17.24 7.44 9.26
CA CYS D 97 -18.44 8.03 8.71
C CYS D 97 -19.58 7.01 8.77
N LYS D 98 -20.81 7.51 8.79
CA LYS D 98 -22.00 6.67 8.64
C LYS D 98 -23.04 7.48 7.87
N CYS D 99 -23.89 6.78 7.09
CA CYS D 99 -25.02 7.42 6.45
C CYS D 99 -26.13 7.57 7.48
N GLU D 100 -26.50 8.81 7.80
CA GLU D 100 -27.45 9.03 8.89
C GLU D 100 -28.56 9.97 8.44
N THR D 101 -29.70 9.85 9.12
CA THR D 101 -30.96 10.37 8.65
C THR D 101 -31.00 11.90 8.69
N VAL D 102 -31.96 12.49 7.96
CA VAL D 102 -32.23 13.92 8.07
C VAL D 102 -33.27 14.11 9.17
N ASP E 1 9.01 21.60 13.45
CA ASP E 1 9.81 22.82 13.34
C ASP E 1 10.14 23.14 11.87
N LEU E 2 10.93 24.19 11.66
CA LEU E 2 11.30 24.73 10.36
C LEU E 2 12.52 23.98 9.84
N GLN E 3 12.58 23.75 8.53
CA GLN E 3 13.68 22.99 7.98
C GLN E 3 14.75 23.96 7.46
N LEU E 4 16.01 23.50 7.52
CA LEU E 4 17.15 24.11 6.86
C LEU E 4 18.12 22.99 6.47
N VAL E 5 18.68 23.08 5.28
CA VAL E 5 19.62 22.07 4.83
C VAL E 5 20.79 22.74 4.11
N GLU E 6 21.98 22.59 4.70
CA GLU E 6 23.18 23.17 4.10
C GLU E 6 23.76 22.14 3.13
N SER E 7 24.34 22.67 2.07
CA SER E 7 25.14 21.90 1.15
C SER E 7 26.28 22.80 0.67
N GLY E 8 27.16 22.22 -0.14
CA GLY E 8 28.20 23.01 -0.77
C GLY E 8 29.57 22.73 -0.15
N GLY E 9 29.57 21.91 0.91
CA GLY E 9 30.80 21.61 1.61
C GLY E 9 31.45 20.37 1.03
N GLY E 10 32.63 20.05 1.52
CA GLY E 10 33.38 18.90 1.05
C GLY E 10 34.88 19.14 1.25
N LEU E 11 35.70 18.71 0.27
CA LEU E 11 37.15 18.88 0.27
C LEU E 11 37.57 20.05 -0.62
N VAL E 12 38.56 20.86 -0.17
CA VAL E 12 38.97 22.08 -0.85
C VAL E 12 40.46 22.27 -0.60
N LYS E 13 41.25 22.47 -1.67
CA LYS E 13 42.68 22.76 -1.56
C LYS E 13 42.91 24.11 -0.85
N PRO E 14 43.98 24.23 -0.05
CA PRO E 14 44.28 25.50 0.64
C PRO E 14 44.39 26.65 -0.35
N GLY E 15 43.96 27.85 0.08
CA GLY E 15 43.97 29.05 -0.76
C GLY E 15 42.75 29.11 -1.69
N GLY E 16 42.07 27.96 -1.83
CA GLY E 16 40.94 27.80 -2.72
C GLY E 16 39.75 28.65 -2.30
N SER E 17 38.64 28.48 -3.02
CA SER E 17 37.41 29.21 -2.76
C SER E 17 36.23 28.23 -2.78
N LEU E 18 35.09 28.61 -2.16
CA LEU E 18 33.97 27.70 -2.01
C LEU E 18 32.68 28.47 -1.70
N ARG E 19 31.57 27.98 -2.25
CA ARG E 19 30.28 28.54 -1.89
C ARG E 19 29.47 27.46 -1.19
N LEU E 20 28.91 27.87 -0.04
CA LEU E 20 27.93 27.08 0.66
C LEU E 20 26.56 27.70 0.40
N SER E 21 25.61 26.80 0.25
CA SER E 21 24.22 27.17 0.19
C SER E 21 23.53 26.48 1.36
N CYS E 22 22.52 27.16 1.86
CA CYS E 22 21.64 26.55 2.81
C CYS E 22 20.20 26.81 2.38
N ALA E 23 19.49 25.72 2.10
CA ALA E 23 18.12 25.79 1.63
C ALA E 23 17.14 25.59 2.77
N ALA E 24 16.02 26.32 2.67
CA ALA E 24 14.96 26.34 3.68
C ALA E 24 13.64 25.94 3.01
N ASP E 25 12.97 24.90 3.54
CA ASP E 25 11.56 24.69 3.27
C ASP E 25 10.82 26.00 3.54
N GLY E 26 9.89 26.38 2.70
CA GLY E 26 8.98 27.44 3.13
C GLY E 26 9.46 28.89 2.94
N TRP E 27 8.50 29.78 2.66
CA TRP E 27 8.72 31.19 2.33
C TRP E 27 9.00 31.97 3.60
N TRP E 28 8.92 31.32 4.78
CA TRP E 28 9.18 32.02 6.03
C TRP E 28 10.57 32.66 6.00
N PHE E 29 11.48 32.02 5.26
CA PHE E 29 12.86 32.42 5.10
C PHE E 29 12.98 33.88 4.72
N GLY E 30 12.01 34.38 3.95
CA GLY E 30 12.06 35.75 3.45
C GLY E 30 11.73 36.79 4.53
N TYR E 31 11.33 36.32 5.70
CA TYR E 31 10.80 37.22 6.69
C TYR E 31 11.68 37.28 7.95
N THR E 32 12.91 36.77 7.85
CA THR E 32 13.75 36.61 9.03
C THR E 32 15.22 36.95 8.72
N ASP E 33 15.96 37.37 9.74
CA ASP E 33 17.40 37.47 9.56
C ASP E 33 17.97 36.07 9.55
N MET E 34 19.14 35.90 8.97
CA MET E 34 19.73 34.56 8.87
C MET E 34 21.21 34.65 9.18
N SER E 35 21.69 33.73 10.03
CA SER E 35 23.09 33.72 10.40
C SER E 35 23.73 32.45 9.91
N TRP E 36 25.05 32.51 9.80
CA TRP E 36 25.90 31.34 9.66
C TRP E 36 26.72 31.24 10.93
N VAL E 37 26.95 30.01 11.37
CA VAL E 37 27.78 29.75 12.53
C VAL E 37 28.67 28.57 12.20
N ARG E 38 29.93 28.61 12.62
CA ARG E 38 30.79 27.47 12.30
C ARG E 38 31.30 26.80 13.56
N GLN E 39 31.99 25.67 13.38
CA GLN E 39 32.56 24.97 14.51
C GLN E 39 33.53 23.91 14.04
N ALA E 40 34.81 24.11 14.38
CA ALA E 40 35.92 23.26 13.98
C ALA E 40 35.80 21.93 14.71
N PRO E 41 36.46 20.85 14.21
CA PRO E 41 36.31 19.52 14.82
C PRO E 41 36.83 19.53 16.26
N GLY E 42 35.96 19.18 17.21
CA GLY E 42 36.27 19.08 18.63
C GLY E 42 36.52 20.42 19.31
N LYS E 43 35.87 21.50 18.82
CA LYS E 43 36.05 22.88 19.30
C LYS E 43 34.71 23.60 19.41
N GLY E 44 34.73 24.85 19.88
CA GLY E 44 33.51 25.56 20.25
C GLY E 44 32.82 26.18 19.05
N LEU E 45 31.63 26.76 19.27
CA LEU E 45 30.83 27.40 18.25
C LEU E 45 31.34 28.80 18.00
N GLU E 46 31.30 29.27 16.76
CA GLU E 46 31.87 30.54 16.37
C GLU E 46 30.92 31.21 15.38
N TRP E 47 30.39 32.39 15.72
CA TRP E 47 29.51 33.10 14.80
C TRP E 47 30.30 33.54 13.58
N VAL E 48 29.71 33.35 12.38
CA VAL E 48 30.38 33.71 11.13
C VAL E 48 29.82 35.04 10.65
N GLY E 49 28.51 35.13 10.52
CA GLY E 49 27.89 36.39 10.15
C GLY E 49 26.38 36.25 9.99
N SER E 50 25.73 37.37 9.67
CA SER E 50 24.29 37.35 9.50
C SER E 50 23.91 38.27 8.35
N ILE E 51 22.65 38.17 7.91
CA ILE E 51 22.09 39.09 6.93
C ILE E 51 20.67 39.46 7.34
N SER E 52 20.34 40.74 7.11
CA SER E 52 19.08 41.34 7.54
C SER E 52 17.91 40.85 6.70
N TYR E 53 16.70 41.29 7.10
CA TYR E 53 15.43 40.79 6.62
C TYR E 53 15.31 40.99 5.11
N LYS E 54 15.48 42.24 4.66
CA LYS E 54 15.19 42.51 3.27
C LYS E 54 16.48 42.50 2.46
N GLY E 55 17.59 42.18 3.12
CA GLY E 55 18.92 42.29 2.52
C GLY E 55 19.57 43.59 2.94
N GLY E 56 18.77 44.46 3.58
CA GLY E 56 19.16 45.77 4.11
C GLY E 56 20.62 45.84 4.54
N SER E 57 21.08 44.84 5.31
CA SER E 57 22.39 44.89 5.94
C SER E 57 23.04 43.52 6.00
N THR E 58 24.36 43.54 6.12
CA THR E 58 25.17 42.35 6.36
C THR E 58 26.03 42.59 7.60
N TYR E 59 26.37 41.51 8.32
CA TYR E 59 27.16 41.61 9.54
C TYR E 59 28.10 40.41 9.67
N TYR E 60 29.35 40.71 10.06
CA TYR E 60 30.38 39.69 10.07
C TYR E 60 31.21 39.79 11.35
N ASN E 61 31.76 38.63 11.72
CA ASN E 61 32.76 38.45 12.75
C ASN E 61 34.07 38.94 12.16
N THR E 62 34.84 39.71 12.95
CA THR E 62 35.97 40.43 12.39
C THR E 62 36.93 39.45 11.70
N LYS E 63 37.11 38.25 12.29
CA LYS E 63 38.09 37.29 11.84
C LYS E 63 37.85 36.95 10.38
N PHE E 64 36.70 37.38 9.86
CA PHE E 64 36.20 36.85 8.60
C PHE E 64 35.92 37.96 7.60
N ILE E 65 35.99 39.23 8.02
CA ILE E 65 35.42 40.32 7.21
C ILE E 65 36.01 40.34 5.79
N GLY E 66 37.29 40.00 5.68
CA GLY E 66 37.93 40.06 4.38
C GLY E 66 37.50 38.98 3.40
N ARG E 67 37.11 37.81 3.92
CA ARG E 67 37.18 36.60 3.13
C ARG E 67 35.80 36.10 2.71
N PHE E 68 34.79 36.43 3.54
CA PHE E 68 33.48 35.83 3.39
C PHE E 68 32.45 36.86 2.95
N THR E 69 31.56 36.41 2.04
CA THR E 69 30.39 37.16 1.63
C THR E 69 29.16 36.30 1.86
N ILE E 70 28.24 36.84 2.67
CA ILE E 70 26.91 36.29 2.82
C ILE E 70 25.98 36.92 1.79
N SER E 71 25.25 36.05 1.08
CA SER E 71 24.32 36.43 0.05
C SER E 71 23.02 35.64 0.24
N ARG E 72 21.91 36.22 -0.19
CA ARG E 72 20.61 35.63 0.08
C ARG E 72 19.70 35.71 -1.15
N ASP E 73 19.01 34.59 -1.44
CA ASP E 73 18.03 34.49 -2.50
C ASP E 73 16.64 34.24 -1.90
N ASP E 74 15.84 35.30 -1.92
CA ASP E 74 14.54 35.34 -1.27
C ASP E 74 13.48 34.61 -2.09
N ASP E 75 13.84 34.19 -3.31
CA ASP E 75 12.88 33.47 -4.11
C ASP E 75 12.99 31.99 -3.79
N THR E 76 14.21 31.47 -3.88
CA THR E 76 14.52 30.06 -3.67
C THR E 76 14.54 29.71 -2.19
N ASN E 77 14.44 30.74 -1.31
CA ASN E 77 14.56 30.53 0.12
C ASN E 77 15.91 29.90 0.44
N THR E 78 16.96 30.41 -0.24
CA THR E 78 18.31 29.90 -0.06
C THR E 78 19.18 30.99 0.55
N LEU E 79 20.06 30.57 1.47
CA LEU E 79 21.12 31.39 2.03
C LEU E 79 22.48 30.91 1.54
N TYR E 80 23.38 31.85 1.24
CA TYR E 80 24.65 31.51 0.61
C TYR E 80 25.83 32.10 1.37
N LEU E 81 26.92 31.33 1.40
CA LEU E 81 28.15 31.82 1.99
C LEU E 81 29.31 31.59 1.03
N GLN E 82 29.88 32.71 0.54
CA GLN E 82 31.01 32.73 -0.35
C GLN E 82 32.28 32.78 0.48
N MET E 83 33.20 31.84 0.24
CA MET E 83 34.41 31.71 1.05
C MET E 83 35.65 31.65 0.16
N ASN E 84 36.59 32.57 0.39
CA ASN E 84 37.79 32.70 -0.41
C ASN E 84 39.01 32.66 0.52
N SER E 85 40.16 32.31 -0.06
CA SER E 85 41.44 32.27 0.63
C SER E 85 41.30 31.41 1.88
N LEU E 86 40.88 30.17 1.66
CA LEU E 86 40.59 29.27 2.76
C LEU E 86 41.88 28.62 3.26
N ARG E 87 41.92 28.31 4.56
CA ARG E 87 43.09 27.71 5.17
C ARG E 87 42.63 26.59 6.10
N ALA E 88 43.59 25.88 6.73
CA ALA E 88 43.25 24.83 7.68
C ALA E 88 42.31 25.34 8.78
N GLU E 89 42.46 26.60 9.22
CA GLU E 89 41.62 27.30 10.19
C GLU E 89 40.14 27.15 9.86
N ASP E 90 39.81 26.91 8.58
CA ASP E 90 38.44 27.00 8.13
C ASP E 90 37.77 25.63 8.05
N THR E 91 38.58 24.57 8.20
CA THR E 91 38.06 23.22 8.33
C THR E 91 37.08 23.20 9.49
N ALA E 92 35.80 23.10 9.17
CA ALA E 92 34.76 23.13 10.18
C ALA E 92 33.43 22.62 9.61
N VAL E 93 32.51 22.31 10.51
CA VAL E 93 31.12 22.17 10.11
C VAL E 93 30.51 23.58 10.08
N TYR E 94 29.84 23.91 8.98
CA TYR E 94 29.26 25.25 8.88
C TYR E 94 27.74 25.18 9.02
N TYR E 95 27.21 25.92 9.99
CA TYR E 95 25.77 25.93 10.19
C TYR E 95 25.10 27.15 9.60
N CYS E 96 23.93 26.86 9.08
CA CYS E 96 22.91 27.82 8.75
C CYS E 96 22.05 27.97 9.99
N ALA E 97 21.53 29.17 10.26
CA ALA E 97 20.65 29.31 11.40
C ALA E 97 19.76 30.53 11.27
N ARG E 98 18.61 30.46 11.93
CA ARG E 98 17.61 31.51 11.85
C ARG E 98 17.89 32.56 12.91
N ASP E 99 18.41 33.72 12.50
CA ASP E 99 18.84 34.77 13.43
C ASP E 99 17.66 35.61 13.92
N ASP E 100 17.33 35.49 15.21
CA ASP E 100 16.44 36.46 15.84
C ASP E 100 17.02 36.83 17.21
N GLY E 101 18.28 37.22 17.22
CA GLY E 101 19.02 37.20 18.46
C GLY E 101 19.48 35.77 18.77
N TYR E 102 18.56 34.82 18.71
CA TYR E 102 18.79 33.63 19.50
C TYR E 102 18.69 32.31 18.76
N PHE E 103 18.64 32.29 17.41
CA PHE E 103 18.91 31.06 16.67
C PHE E 103 18.08 29.83 17.12
N ASP E 104 16.79 29.80 16.75
CA ASP E 104 15.87 28.74 17.15
C ASP E 104 15.77 27.62 16.10
N THR E 105 16.47 27.77 14.97
CA THR E 105 16.37 26.82 13.86
C THR E 105 17.74 26.67 13.23
N TRP E 106 18.17 25.41 13.10
CA TRP E 106 19.51 25.09 12.65
C TRP E 106 19.42 24.08 11.52
N GLY E 107 20.26 24.24 10.50
CA GLY E 107 20.58 23.13 9.62
C GLY E 107 21.33 22.03 10.38
N GLN E 108 21.56 20.89 9.74
CA GLN E 108 22.35 19.84 10.38
C GLN E 108 23.82 20.20 10.24
N GLY E 109 24.16 20.91 9.16
CA GLY E 109 25.50 21.41 8.89
C GLY E 109 26.19 20.69 7.74
N THR E 110 27.23 21.33 7.19
CA THR E 110 27.99 20.81 6.08
C THR E 110 29.46 20.88 6.44
N LEU E 111 30.18 19.76 6.27
CA LEU E 111 31.58 19.69 6.65
C LEU E 111 32.50 20.15 5.52
N VAL E 112 33.22 21.24 5.77
CA VAL E 112 34.27 21.70 4.87
C VAL E 112 35.58 21.15 5.40
N THR E 113 36.33 20.40 4.57
CA THR E 113 37.67 19.96 4.91
C THR E 113 38.67 20.73 4.03
N VAL E 114 39.52 21.60 4.61
CA VAL E 114 40.55 22.31 3.85
C VAL E 114 41.88 21.55 3.91
N SER E 115 42.30 21.05 2.76
CA SER E 115 43.43 20.12 2.66
C SER E 115 43.82 19.93 1.18
N SER E 116 45.11 19.82 0.95
CA SER E 116 45.58 19.36 -0.35
C SER E 116 46.03 17.91 -0.22
N ALA E 117 45.01 17.04 -0.07
CA ALA E 117 45.12 15.59 -0.01
C ALA E 117 44.03 15.01 -0.91
N SER E 118 44.30 13.83 -1.51
CA SER E 118 43.45 13.22 -2.52
C SER E 118 42.14 12.70 -1.90
N THR E 119 40.98 13.01 -2.50
CA THR E 119 39.75 12.30 -2.24
C THR E 119 39.99 10.81 -2.48
N LYS E 120 39.34 9.96 -1.68
CA LYS E 120 39.46 8.52 -1.83
C LYS E 120 38.29 7.87 -1.09
N GLY E 121 37.67 6.89 -1.75
CA GLY E 121 36.56 6.15 -1.18
C GLY E 121 37.05 4.99 -0.32
N PRO E 122 36.20 4.53 0.63
CA PRO E 122 36.59 3.47 1.56
C PRO E 122 36.51 2.07 0.95
N SER E 123 37.35 1.15 1.44
CA SER E 123 37.05 -0.27 1.24
C SER E 123 36.36 -0.79 2.51
N VAL E 124 35.29 -1.59 2.33
CA VAL E 124 34.49 -2.06 3.45
C VAL E 124 34.81 -3.55 3.72
N PHE E 125 35.38 -3.82 4.89
CA PHE E 125 35.69 -5.18 5.28
C PHE E 125 34.78 -5.62 6.43
N PRO E 126 34.42 -6.93 6.48
CA PRO E 126 33.60 -7.46 7.56
C PRO E 126 34.35 -7.76 8.86
N LEU E 127 33.79 -7.31 9.98
CA LEU E 127 34.09 -7.84 11.29
C LEU E 127 33.06 -8.91 11.63
N ALA E 128 33.49 -10.17 11.53
CA ALA E 128 32.62 -11.33 11.55
C ALA E 128 32.54 -11.91 12.96
N PRO E 129 31.35 -12.38 13.41
CA PRO E 129 31.21 -13.04 14.70
C PRO E 129 31.94 -14.39 14.77
N SER E 130 32.28 -14.79 16.00
CA SER E 130 32.96 -16.05 16.30
C SER E 130 32.69 -16.44 17.76
N SER E 131 33.57 -17.28 18.32
CA SER E 131 33.66 -17.53 19.75
C SER E 131 33.70 -16.16 20.43
N LYS E 132 34.73 -15.42 20.00
CA LYS E 132 34.96 -14.01 20.25
C LYS E 132 33.84 -13.20 19.60
N SER E 133 32.81 -12.89 20.40
CA SER E 133 31.70 -12.06 19.96
C SER E 133 30.36 -12.75 20.24
N THR E 134 30.25 -14.06 19.97
CA THR E 134 29.02 -14.82 20.23
C THR E 134 28.78 -14.89 21.74
N SER E 135 29.86 -14.68 22.51
CA SER E 135 29.94 -14.58 23.97
C SER E 135 28.59 -14.25 24.62
N GLY E 136 28.07 -15.19 25.42
CA GLY E 136 26.73 -15.06 25.99
C GLY E 136 25.66 -15.16 24.92
N GLY E 137 24.39 -14.99 25.32
CA GLY E 137 23.28 -15.19 24.42
C GLY E 137 23.34 -14.26 23.21
N THR E 138 24.18 -13.22 23.30
CA THR E 138 24.27 -12.21 22.24
C THR E 138 25.64 -12.25 21.56
N ALA E 139 25.65 -11.87 20.28
CA ALA E 139 26.86 -11.84 19.49
C ALA E 139 27.10 -10.43 18.93
N ALA E 140 28.38 -10.15 18.64
CA ALA E 140 28.84 -8.86 18.13
C ALA E 140 29.42 -9.00 16.72
N LEU E 141 28.91 -8.20 15.78
CA LEU E 141 29.40 -8.19 14.41
C LEU E 141 29.46 -6.74 13.93
N GLY E 142 30.14 -6.50 12.80
CA GLY E 142 30.22 -5.16 12.25
C GLY E 142 30.94 -5.11 10.91
N CYS E 143 31.25 -3.89 10.44
CA CYS E 143 32.11 -3.69 9.29
C CYS E 143 33.11 -2.58 9.54
N LEU E 144 34.28 -2.73 8.90
CA LEU E 144 35.33 -1.75 8.98
C LEU E 144 35.39 -0.96 7.67
N VAL E 145 35.18 0.35 7.79
CA VAL E 145 35.20 1.30 6.69
C VAL E 145 36.59 1.94 6.70
N LYS E 146 37.41 1.63 5.70
CA LYS E 146 38.84 1.90 5.78
C LYS E 146 39.36 2.75 4.61
N ASP E 147 40.27 3.68 4.95
CA ASP E 147 41.09 4.46 4.03
C ASP E 147 40.27 5.39 3.14
N TYR E 148 39.47 6.26 3.77
CA TYR E 148 38.68 7.21 3.02
C TYR E 148 39.19 8.62 3.35
N PHE E 149 38.83 9.57 2.49
CA PHE E 149 39.09 10.98 2.72
C PHE E 149 38.17 11.75 1.78
N PRO E 150 37.62 12.92 2.18
CA PRO E 150 37.59 13.35 3.58
C PRO E 150 36.40 12.75 4.33
N GLU E 151 36.22 13.16 5.59
CA GLU E 151 34.96 12.96 6.28
C GLU E 151 33.89 13.68 5.48
N PRO E 152 32.57 13.35 5.62
CA PRO E 152 32.09 12.25 6.45
C PRO E 152 31.66 10.99 5.71
N VAL E 153 31.44 9.91 6.48
CA VAL E 153 30.90 8.64 6.01
C VAL E 153 29.66 8.30 6.85
N THR E 154 28.47 8.13 6.24
CA THR E 154 27.28 7.69 6.98
C THR E 154 27.15 6.17 6.84
N VAL E 155 26.64 5.51 7.89
CA VAL E 155 26.40 4.07 7.89
C VAL E 155 24.99 3.80 8.42
N SER E 156 24.27 2.93 7.69
CA SER E 156 23.00 2.35 8.10
C SER E 156 23.15 0.83 8.09
N TRP E 157 22.20 0.14 8.74
CA TRP E 157 22.17 -1.32 8.71
C TRP E 157 20.83 -1.81 8.16
N ASN E 158 20.90 -2.66 7.14
CA ASN E 158 19.73 -3.18 6.44
C ASN E 158 18.76 -2.05 6.18
N SER E 159 19.31 -0.96 5.61
CA SER E 159 18.59 0.18 5.05
C SER E 159 17.69 0.87 6.08
N GLY E 160 18.03 0.75 7.36
CA GLY E 160 17.27 1.41 8.41
C GLY E 160 16.27 0.48 9.12
N ALA E 161 16.23 -0.80 8.70
CA ALA E 161 15.38 -1.83 9.28
C ALA E 161 16.01 -2.41 10.56
N LEU E 162 17.27 -2.07 10.81
CA LEU E 162 17.99 -2.35 12.05
C LEU E 162 18.59 -1.03 12.53
N THR E 163 18.05 -0.47 13.62
CA THR E 163 18.40 0.90 14.06
C THR E 163 19.04 0.91 15.45
N SER E 164 18.42 0.22 16.41
CA SER E 164 18.70 0.52 17.80
C SER E 164 20.04 -0.05 18.28
N GLY E 165 20.38 -1.30 17.89
CA GLY E 165 21.49 -2.02 18.49
C GLY E 165 22.86 -1.64 17.93
N VAL E 166 22.98 -0.43 17.36
CA VAL E 166 24.12 0.05 16.58
C VAL E 166 25.12 0.81 17.46
N HIS E 167 26.39 0.74 17.08
CA HIS E 167 27.43 1.60 17.64
C HIS E 167 28.44 1.98 16.56
N THR E 168 28.33 3.22 16.07
CA THR E 168 29.17 3.74 15.01
C THR E 168 30.25 4.62 15.66
N PHE E 169 31.50 4.15 15.63
CA PHE E 169 32.60 4.89 16.23
C PHE E 169 32.99 6.07 15.35
N PRO E 170 33.33 7.24 15.94
CA PRO E 170 34.02 8.27 15.17
C PRO E 170 35.25 7.69 14.48
N ALA E 171 35.54 8.23 13.30
CA ALA E 171 36.69 7.77 12.53
C ALA E 171 37.97 8.27 13.17
N VAL E 172 39.02 7.45 13.09
CA VAL E 172 40.35 7.88 13.47
C VAL E 172 41.14 8.20 12.21
N LEU E 173 41.95 9.27 12.27
CA LEU E 173 42.80 9.65 11.15
C LEU E 173 44.07 8.84 11.22
N GLN E 174 44.31 7.99 10.21
CA GLN E 174 45.48 7.12 10.21
C GLN E 174 46.74 7.94 9.92
N SER E 175 47.90 7.35 10.17
CA SER E 175 49.17 7.97 9.84
C SER E 175 49.24 8.25 8.35
N SER E 176 48.42 7.53 7.57
CA SER E 176 48.35 7.55 6.12
C SER E 176 47.82 8.88 5.60
N GLY E 177 47.00 9.57 6.39
CA GLY E 177 46.26 10.74 5.95
C GLY E 177 44.81 10.38 5.57
N LEU E 178 44.43 9.11 5.79
CA LEU E 178 43.08 8.64 5.51
C LEU E 178 42.34 8.22 6.78
N TYR E 179 41.01 8.25 6.71
CA TYR E 179 40.15 7.91 7.84
C TYR E 179 39.74 6.44 7.79
N SER E 180 39.60 5.86 8.98
CA SER E 180 39.06 4.52 9.15
C SER E 180 38.11 4.52 10.35
N LEU E 181 36.95 3.88 10.14
CA LEU E 181 35.79 3.94 11.02
C LEU E 181 35.23 2.52 11.15
N SER E 182 34.68 2.21 12.31
CA SER E 182 34.07 0.92 12.56
C SER E 182 32.62 1.13 12.98
N SER E 183 31.71 0.32 12.43
CA SER E 183 30.35 0.28 12.92
C SER E 183 30.05 -1.16 13.32
N VAL E 184 29.43 -1.35 14.48
CA VAL E 184 29.17 -2.67 15.04
C VAL E 184 27.71 -2.78 15.51
N VAL E 185 27.20 -4.02 15.53
CA VAL E 185 25.82 -4.26 15.94
C VAL E 185 25.73 -5.53 16.78
N THR E 186 24.86 -5.46 17.79
CA THR E 186 24.59 -6.55 18.70
C THR E 186 23.33 -7.27 18.26
N VAL E 187 23.41 -8.61 18.18
CA VAL E 187 22.30 -9.45 17.75
C VAL E 187 22.39 -10.78 18.48
N PRO E 188 21.25 -11.45 18.79
CA PRO E 188 21.27 -12.73 19.51
C PRO E 188 21.84 -13.90 18.68
N SER E 189 22.88 -14.57 19.20
CA SER E 189 23.52 -15.67 18.48
C SER E 189 22.58 -16.87 18.31
N TYR E 197 21.84 -8.64 7.38
CA TYR E 197 23.10 -8.10 7.97
C TYR E 197 24.02 -7.54 6.89
N ILE E 198 23.61 -6.35 6.42
CA ILE E 198 24.31 -5.54 5.44
C ILE E 198 24.46 -4.14 6.04
N CYS E 199 25.70 -3.64 6.09
CA CYS E 199 25.89 -2.23 6.37
C CYS E 199 25.83 -1.42 5.08
N ASN E 200 25.11 -0.30 5.15
CA ASN E 200 24.96 0.66 4.07
C ASN E 200 25.90 1.84 4.30
N VAL E 201 26.98 1.88 3.50
CA VAL E 201 28.04 2.87 3.57
C VAL E 201 27.81 3.91 2.47
N ASN E 202 27.75 5.19 2.87
CA ASN E 202 27.61 6.28 1.92
C ASN E 202 28.70 7.32 2.21
N HIS E 203 29.52 7.62 1.18
CA HIS E 203 30.68 8.51 1.23
C HIS E 203 30.54 9.61 0.17
N LYS E 204 29.68 10.59 0.48
CA LYS E 204 29.23 11.61 -0.46
C LYS E 204 30.40 12.18 -1.27
N PRO E 205 31.51 12.61 -0.62
CA PRO E 205 32.56 13.29 -1.36
C PRO E 205 33.15 12.48 -2.51
N SER E 206 33.08 11.14 -2.44
CA SER E 206 33.66 10.34 -3.51
C SER E 206 32.57 9.62 -4.30
N ASN E 207 31.31 9.99 -4.07
CA ASN E 207 30.19 9.34 -4.73
C ASN E 207 30.38 7.83 -4.67
N THR E 208 30.80 7.32 -3.50
CA THR E 208 30.87 5.89 -3.19
C THR E 208 29.63 5.52 -2.37
N LYS E 209 28.94 4.45 -2.76
CA LYS E 209 27.90 3.83 -1.96
C LYS E 209 28.08 2.33 -2.03
N VAL E 210 28.26 1.68 -0.87
CA VAL E 210 28.56 0.26 -0.83
C VAL E 210 27.53 -0.43 0.07
N ASP E 211 27.11 -1.63 -0.33
CA ASP E 211 26.25 -2.47 0.48
C ASP E 211 26.98 -3.79 0.74
N LYS E 212 27.59 -3.89 1.93
CA LYS E 212 28.46 -5.00 2.29
C LYS E 212 27.76 -5.91 3.30
N LYS E 213 27.58 -7.17 2.88
CA LYS E 213 27.03 -8.22 3.71
C LYS E 213 28.12 -8.67 4.67
N VAL E 214 27.72 -8.90 5.92
CA VAL E 214 28.67 -9.41 6.90
C VAL E 214 28.27 -10.82 7.26
N GLU E 215 29.23 -11.74 7.13
CA GLU E 215 29.04 -13.17 7.29
C GLU E 215 30.19 -13.70 8.15
N PRO E 216 29.32 -14.73 9.82
CA PRO E 216 30.51 -15.55 10.10
C PRO E 216 31.45 -15.79 8.90
N ALA F 1 34.54 43.00 20.60
CA ALA F 1 33.48 42.02 20.96
C ALA F 1 33.26 41.97 22.46
N ILE F 2 32.19 41.29 22.89
CA ILE F 2 31.93 40.94 24.29
C ILE F 2 32.38 39.50 24.51
N GLN F 3 33.12 39.23 25.59
CA GLN F 3 33.67 37.90 25.78
C GLN F 3 32.77 37.09 26.71
N MET F 4 32.33 35.91 26.24
CA MET F 4 31.57 35.01 27.10
C MET F 4 32.51 34.01 27.75
N THR F 5 32.34 33.88 29.07
CA THR F 5 33.14 33.00 29.90
C THR F 5 32.21 32.03 30.61
N GLN F 6 32.15 30.82 30.06
CA GLN F 6 31.31 29.76 30.62
C GLN F 6 32.14 29.02 31.66
N SER F 7 31.45 28.40 32.63
CA SER F 7 32.16 27.55 33.57
C SER F 7 31.21 26.51 34.18
N PRO F 8 31.74 25.29 34.44
CA PRO F 8 33.13 24.93 34.09
C PRO F 8 33.36 24.35 32.70
N SER F 9 34.63 24.27 32.29
CA SER F 9 34.99 23.79 30.97
C SER F 9 34.37 22.42 30.73
N SER F 10 34.47 21.57 31.76
CA SER F 10 33.89 20.24 31.68
C SER F 10 33.49 19.77 33.08
N LEU F 11 32.64 18.74 33.17
CA LEU F 11 32.31 18.14 34.46
C LEU F 11 31.52 16.83 34.30
N SER F 12 31.59 15.99 35.34
CA SER F 12 30.77 14.80 35.53
C SER F 12 29.70 15.15 36.55
N ALA F 13 28.54 14.51 36.46
CA ALA F 13 27.46 14.74 37.41
C ALA F 13 26.60 13.48 37.41
N SER F 14 26.21 13.03 38.62
CA SER F 14 25.45 11.80 38.80
C SER F 14 23.98 12.04 38.49
N VAL F 15 23.29 10.95 38.13
CA VAL F 15 21.90 11.07 37.72
C VAL F 15 21.11 11.56 38.92
N GLY F 16 20.36 12.64 38.73
CA GLY F 16 19.50 13.14 39.79
C GLY F 16 19.97 14.47 40.34
N ASP F 17 21.30 14.70 40.31
CA ASP F 17 21.92 15.92 40.83
C ASP F 17 21.27 17.17 40.24
N ARG F 18 21.39 18.27 40.99
CA ARG F 18 21.11 19.58 40.44
C ARG F 18 22.45 20.12 39.93
N VAL F 19 22.44 20.77 38.74
CA VAL F 19 23.66 21.22 38.08
C VAL F 19 23.50 22.65 37.59
N THR F 20 24.58 23.42 37.79
CA THR F 20 24.54 24.81 37.39
C THR F 20 25.74 25.12 36.49
N ILE F 21 25.45 25.82 35.39
CA ILE F 21 26.45 26.30 34.47
C ILE F 21 26.28 27.81 34.37
N THR F 22 27.42 28.51 34.40
CA THR F 22 27.42 29.94 34.57
C THR F 22 28.11 30.58 33.38
N CYS F 23 27.51 31.69 32.94
CA CYS F 23 28.05 32.44 31.82
C CYS F 23 28.20 33.90 32.23
N HIS F 24 29.37 34.48 31.94
CA HIS F 24 29.69 35.83 32.37
C HIS F 24 30.15 36.67 31.18
N GLY F 25 29.54 37.86 31.04
CA GLY F 25 29.76 38.75 29.92
C GLY F 25 30.65 39.94 30.28
N SER F 26 31.34 40.49 29.29
CA SER F 26 32.26 41.60 29.43
C SER F 26 31.51 42.92 29.61
N TYR F 27 30.28 42.95 29.14
CA TYR F 27 29.43 44.10 29.41
C TYR F 27 28.09 43.61 29.93
N TRP F 28 27.23 44.56 30.30
CA TRP F 28 25.88 44.28 30.75
C TRP F 28 25.01 43.91 29.54
N LEU F 29 24.25 42.81 29.67
CA LEU F 29 23.67 42.10 28.55
C LEU F 29 22.16 42.26 28.50
N SER F 30 21.51 42.40 29.67
CA SER F 30 20.08 42.66 29.77
C SER F 30 19.24 41.49 29.24
N ASN F 31 19.72 40.27 29.48
CA ASN F 31 19.01 39.04 29.15
C ASN F 31 19.02 38.76 27.64
N TYR F 32 19.81 39.50 26.85
CA TYR F 32 20.04 39.13 25.46
C TYR F 32 21.02 37.95 25.42
N LEU F 33 20.57 36.88 26.09
CA LEU F 33 21.34 35.65 26.19
C LEU F 33 20.47 34.43 25.90
N ALA F 34 21.11 33.40 25.35
CA ALA F 34 20.44 32.13 25.17
C ALA F 34 21.40 30.98 25.46
N TRP F 35 20.79 29.81 25.68
CA TRP F 35 21.46 28.60 26.08
C TRP F 35 21.17 27.52 25.04
N TYR F 36 22.22 26.81 24.63
CA TYR F 36 22.06 25.71 23.68
C TYR F 36 22.60 24.43 24.29
N GLN F 37 21.91 23.33 23.94
CA GLN F 37 22.42 21.99 24.18
C GLN F 37 22.82 21.38 22.85
N GLN F 38 23.89 20.62 22.86
CA GLN F 38 24.31 20.08 21.59
C GLN F 38 24.91 18.69 21.79
N LYS F 39 24.26 17.70 21.18
CA LYS F 39 24.73 16.33 21.32
C LYS F 39 25.94 16.13 20.41
N PRO F 40 26.75 15.05 20.63
CA PRO F 40 27.90 14.74 19.76
C PRO F 40 27.48 14.43 18.31
N GLY F 41 28.02 15.21 17.37
CA GLY F 41 27.69 15.03 15.98
C GLY F 41 26.61 15.99 15.49
N LYS F 42 25.83 16.58 16.41
CA LYS F 42 24.60 17.18 15.95
C LYS F 42 24.59 18.68 16.08
N ALA F 43 23.59 19.30 15.47
CA ALA F 43 23.40 20.75 15.53
C ALA F 43 23.04 21.13 16.95
N PRO F 44 23.19 22.43 17.32
CA PRO F 44 22.79 22.92 18.65
C PRO F 44 21.26 23.00 18.71
N LYS F 45 20.70 22.69 19.87
CA LYS F 45 19.27 22.84 20.13
C LYS F 45 19.09 23.98 21.13
N LEU F 46 18.22 24.96 20.81
CA LEU F 46 17.99 26.10 21.67
C LEU F 46 17.15 25.66 22.87
N LEU F 47 17.63 25.99 24.08
CA LEU F 47 16.98 25.60 25.34
C LEU F 47 16.34 26.80 26.01
N ILE F 48 17.18 27.79 26.33
CA ILE F 48 16.67 29.00 26.94
C ILE F 48 16.99 30.14 25.99
N TYR F 49 16.12 31.13 25.96
CA TYR F 49 16.38 32.36 25.24
C TYR F 49 15.87 33.50 26.10
N ASP F 50 16.23 34.76 25.77
CA ASP F 50 15.95 35.93 26.59
C ASP F 50 16.26 35.71 28.08
N GLY F 51 17.29 34.92 28.35
CA GLY F 51 17.86 34.77 29.67
C GLY F 51 17.19 33.66 30.47
N LYS F 52 15.87 33.54 30.31
CA LYS F 52 15.09 32.78 31.28
C LYS F 52 13.90 32.06 30.63
N GLU F 53 13.55 32.41 29.38
CA GLU F 53 12.39 31.83 28.70
C GLU F 53 12.76 30.44 28.19
N ARG F 54 11.87 29.48 28.48
CA ARG F 54 12.09 28.15 27.97
C ARG F 54 11.52 28.10 26.56
N GLU F 55 12.09 27.24 25.71
CA GLU F 55 11.56 27.06 24.36
C GLU F 55 10.49 26.00 24.45
N HIS F 56 9.46 26.09 23.59
CA HIS F 56 8.44 25.05 23.51
C HIS F 56 9.15 23.71 23.37
N GLY F 57 8.70 22.72 24.15
CA GLY F 57 9.22 21.38 24.07
C GLY F 57 10.52 21.15 24.85
N VAL F 58 11.00 22.19 25.56
CA VAL F 58 12.15 21.99 26.41
C VAL F 58 11.64 21.52 27.77
N PRO F 59 12.11 20.35 28.29
CA PRO F 59 11.76 19.86 29.63
C PRO F 59 11.83 20.87 30.76
N SER F 60 11.00 20.65 31.79
CA SER F 60 10.78 21.60 32.87
C SER F 60 12.07 21.82 33.65
N ARG F 61 12.96 20.81 33.65
CA ARG F 61 14.10 20.76 34.54
C ARG F 61 15.18 21.79 34.16
N PHE F 62 15.26 22.11 32.86
CA PHE F 62 16.15 23.15 32.35
C PHE F 62 15.63 24.53 32.73
N SER F 63 16.51 25.33 33.33
CA SER F 63 16.08 26.56 33.95
C SER F 63 17.06 27.69 33.65
N GLY F 64 16.52 28.80 33.18
CA GLY F 64 17.34 29.96 32.88
C GLY F 64 17.17 31.07 33.93
N SER F 65 18.30 31.67 34.32
CA SER F 65 18.34 32.81 35.23
C SER F 65 19.62 33.60 35.04
N GLY F 66 19.70 34.72 35.75
CA GLY F 66 20.74 35.72 35.59
C GLY F 66 20.15 37.12 35.36
N SER F 67 21.03 38.12 35.53
CA SER F 67 20.83 39.47 35.02
C SER F 67 22.19 40.11 34.80
N HIS F 68 22.19 41.35 34.29
CA HIS F 68 23.40 42.17 34.17
C HIS F 68 24.49 41.43 33.38
N GLU F 69 25.49 40.89 34.09
CA GLU F 69 26.67 40.30 33.47
C GLU F 69 26.67 38.78 33.59
N ASP F 70 25.89 38.27 34.56
CA ASP F 70 26.10 36.93 35.07
C ASP F 70 24.83 36.12 34.89
N TYR F 71 24.98 34.96 34.24
CA TYR F 71 23.85 34.14 33.83
C TYR F 71 24.10 32.67 34.10
N THR F 72 22.98 31.95 34.25
CA THR F 72 22.98 30.60 34.77
C THR F 72 21.96 29.73 34.04
N LEU F 73 22.46 28.59 33.58
CA LEU F 73 21.64 27.44 33.24
C LEU F 73 21.65 26.52 34.45
N THR F 74 20.45 26.05 34.83
CA THR F 74 20.30 25.06 35.88
C THR F 74 19.50 23.89 35.34
N ILE F 75 20.13 22.72 35.41
CA ILE F 75 19.46 21.44 35.17
C ILE F 75 19.13 20.86 36.53
N SER F 76 17.84 20.69 36.83
CA SER F 76 17.40 20.43 38.19
C SER F 76 17.57 18.96 38.54
N SER F 77 17.14 18.07 37.66
CA SER F 77 17.23 16.69 38.06
C SER F 77 17.88 15.93 36.93
N LEU F 78 19.19 15.73 37.05
CA LEU F 78 20.01 15.38 35.89
C LEU F 78 19.63 14.00 35.37
N GLN F 79 19.36 13.95 34.06
CA GLN F 79 18.91 12.76 33.37
C GLN F 79 20.00 12.28 32.40
N PRO F 80 20.16 10.94 32.22
CA PRO F 80 21.29 10.37 31.49
C PRO F 80 21.39 10.87 30.05
N GLU F 81 20.22 11.27 29.53
CA GLU F 81 20.05 11.79 28.19
C GLU F 81 20.38 13.27 28.14
N ASP F 82 20.83 13.83 29.28
CA ASP F 82 21.22 15.22 29.30
C ASP F 82 22.71 15.41 28.99
N PHE F 83 23.48 14.31 28.97
CA PHE F 83 24.87 14.37 28.53
C PHE F 83 24.92 15.11 27.20
N ALA F 84 25.75 16.15 27.13
CA ALA F 84 25.82 17.00 25.95
C ALA F 84 26.93 18.01 26.15
N THR F 85 27.07 18.98 25.24
CA THR F 85 27.86 20.17 25.48
C THR F 85 26.98 21.43 25.43
N TYR F 86 27.09 22.27 26.44
CA TYR F 86 26.13 23.37 26.53
C TYR F 86 26.87 24.67 26.21
N TYR F 87 26.17 25.59 25.53
CA TYR F 87 26.76 26.87 25.15
C TYR F 87 25.83 28.01 25.51
N CYS F 88 26.42 29.16 25.87
CA CYS F 88 25.64 30.38 25.98
C CYS F 88 25.98 31.26 24.79
N GLN F 89 25.09 32.21 24.52
CA GLN F 89 25.29 33.10 23.39
C GLN F 89 24.72 34.46 23.76
N GLN F 90 25.57 35.47 23.61
CA GLN F 90 25.18 36.85 23.84
C GLN F 90 24.61 37.38 22.52
N TYR F 91 23.61 38.27 22.59
CA TYR F 91 23.16 38.91 21.36
C TYR F 91 22.64 40.31 21.64
N ARG F 92 23.28 41.00 22.59
CA ARG F 92 22.99 42.40 22.94
C ARG F 92 23.63 43.32 21.91
N TYR F 93 24.83 42.93 21.43
CA TYR F 93 25.61 43.67 20.46
C TYR F 93 26.25 42.71 19.44
N HIS F 94 26.28 43.14 18.18
CA HIS F 94 27.08 42.44 17.19
C HIS F 94 28.53 42.76 17.46
N PRO F 95 29.47 41.79 17.32
CA PRO F 95 29.13 40.46 16.83
C PRO F 95 28.52 39.59 17.92
N TYR F 96 27.62 38.71 17.50
CA TYR F 96 27.22 37.60 18.34
C TYR F 96 28.48 36.87 18.84
N THR F 97 28.42 36.47 20.11
CA THR F 97 29.52 35.76 20.75
C THR F 97 28.94 34.68 21.66
N PHE F 98 29.67 33.56 21.68
CA PHE F 98 29.31 32.40 22.46
C PHE F 98 30.34 32.18 23.55
N GLY F 99 30.01 31.29 24.48
CA GLY F 99 30.97 30.76 25.44
C GLY F 99 31.80 29.64 24.84
N GLN F 100 32.76 29.16 25.61
CA GLN F 100 33.70 28.20 25.04
C GLN F 100 33.08 26.83 25.18
N GLY F 101 32.03 26.76 26.01
CA GLY F 101 31.25 25.54 26.12
C GLY F 101 31.51 24.77 27.40
N THR F 102 30.51 23.96 27.79
CA THR F 102 30.58 23.08 28.94
C THR F 102 30.21 21.65 28.54
N LYS F 103 31.21 20.76 28.57
CA LYS F 103 31.02 19.36 28.21
C LYS F 103 30.58 18.61 29.45
N LEU F 104 29.32 18.14 29.42
CA LEU F 104 28.67 17.48 30.53
C LEU F 104 28.74 15.96 30.34
N GLU F 105 29.34 15.29 31.30
CA GLU F 105 29.34 13.86 31.25
C GLU F 105 28.42 13.43 32.40
N ILE F 106 27.66 12.34 32.20
CA ILE F 106 26.96 11.68 33.28
C ILE F 106 27.91 10.69 33.97
N LYS F 107 27.85 10.69 35.30
CA LYS F 107 28.73 9.90 36.13
C LYS F 107 27.93 8.83 36.87
N ARG F 108 28.51 7.64 36.98
CA ARG F 108 27.76 6.47 37.43
C ARG F 108 28.70 5.40 37.99
N THR F 109 28.08 4.34 38.53
CA THR F 109 28.75 3.19 39.11
C THR F 109 29.75 2.65 38.08
N VAL F 110 30.86 2.09 38.57
CA VAL F 110 31.83 1.46 37.68
C VAL F 110 31.15 0.28 36.98
N ALA F 111 31.48 0.12 35.70
CA ALA F 111 31.07 -1.02 34.89
C ALA F 111 32.25 -1.41 34.00
N ALA F 112 32.62 -2.70 34.05
CA ALA F 112 33.75 -3.21 33.29
C ALA F 112 33.31 -3.61 31.88
N PRO F 113 34.21 -3.47 30.89
CA PRO F 113 33.88 -3.79 29.49
C PRO F 113 33.78 -5.30 29.25
N SER F 114 32.96 -5.70 28.25
CA SER F 114 33.03 -7.02 27.63
C SER F 114 34.01 -6.93 26.46
N VAL F 115 34.95 -7.87 26.37
CA VAL F 115 36.06 -7.80 25.41
C VAL F 115 35.85 -8.83 24.28
N PHE F 116 35.89 -8.35 23.03
CA PHE F 116 35.83 -9.19 21.84
C PHE F 116 37.00 -8.83 20.92
N ILE F 117 37.42 -9.80 20.10
CA ILE F 117 38.54 -9.63 19.19
C ILE F 117 38.13 -10.12 17.79
N PHE F 118 38.59 -9.39 16.76
CA PHE F 118 38.26 -9.71 15.37
C PHE F 118 39.54 -9.94 14.56
N PRO F 119 39.70 -11.15 13.95
CA PRO F 119 40.76 -11.36 12.97
C PRO F 119 40.52 -10.46 11.76
N PRO F 120 41.53 -10.25 10.87
CA PRO F 120 41.32 -9.52 9.63
C PRO F 120 40.58 -10.39 8.62
N SER F 121 39.77 -9.76 7.76
CA SER F 121 39.07 -10.43 6.68
C SER F 121 40.09 -11.04 5.73
N ASP F 122 39.83 -12.26 5.27
CA ASP F 122 40.64 -12.87 4.23
C ASP F 122 40.53 -12.02 2.97
N GLU F 123 39.31 -11.49 2.74
CA GLU F 123 39.02 -10.61 1.62
C GLU F 123 39.83 -9.31 1.72
N GLN F 124 40.22 -8.92 2.95
CA GLN F 124 41.04 -7.74 3.13
C GLN F 124 42.53 -8.07 2.99
N LEU F 125 42.94 -9.27 3.43
CA LEU F 125 44.32 -9.72 3.29
C LEU F 125 44.67 -9.96 1.82
N LYS F 126 43.62 -10.04 0.97
CA LYS F 126 43.79 -10.04 -0.47
C LYS F 126 44.42 -8.71 -0.91
N SER F 127 43.94 -7.59 -0.36
CA SER F 127 44.60 -6.30 -0.54
C SER F 127 45.95 -6.23 0.15
N GLY F 128 46.35 -7.26 0.91
CA GLY F 128 47.71 -7.28 1.43
C GLY F 128 47.96 -6.37 2.64
N THR F 129 46.89 -5.82 3.24
CA THR F 129 46.95 -5.27 4.59
C THR F 129 46.15 -6.16 5.57
N ALA F 130 46.62 -6.22 6.83
CA ALA F 130 45.93 -6.92 7.91
C ALA F 130 45.60 -5.97 9.05
N SER F 131 44.29 -5.82 9.32
CA SER F 131 43.79 -4.98 10.41
C SER F 131 43.03 -5.82 11.43
N VAL F 132 43.48 -5.76 12.69
CA VAL F 132 42.90 -6.53 13.78
C VAL F 132 42.22 -5.54 14.73
N VAL F 133 41.03 -5.91 15.19
CA VAL F 133 40.21 -4.99 15.96
C VAL F 133 39.81 -5.61 17.30
N CYS F 134 39.97 -4.82 18.36
CA CYS F 134 39.60 -5.20 19.72
C CYS F 134 38.46 -4.30 20.16
N LEU F 135 37.40 -4.92 20.70
CA LEU F 135 36.17 -4.23 21.05
C LEU F 135 35.94 -4.31 22.56
N LEU F 136 35.81 -3.15 23.22
CA LEU F 136 35.39 -3.03 24.61
C LEU F 136 33.96 -2.46 24.64
N ASN F 137 33.02 -3.25 25.18
CA ASN F 137 31.62 -2.91 25.07
C ASN F 137 31.05 -2.43 26.39
N ASN F 138 30.46 -1.22 26.36
CA ASN F 138 29.64 -0.64 27.41
C ASN F 138 30.34 -0.69 28.78
N PHE F 139 31.23 0.25 29.03
CA PHE F 139 31.96 0.31 30.28
C PHE F 139 31.91 1.74 30.81
N TYR F 140 32.39 1.92 32.04
CA TYR F 140 32.51 3.21 32.67
C TYR F 140 33.52 3.09 33.79
N PRO F 141 34.44 4.07 33.96
CA PRO F 141 34.46 5.31 33.19
C PRO F 141 35.21 5.15 31.87
N ARG F 142 35.54 6.28 31.24
CA ARG F 142 36.10 6.31 29.89
C ARG F 142 37.51 5.73 29.84
N GLU F 143 38.28 5.87 30.92
CA GLU F 143 39.72 5.65 30.87
C GLU F 143 40.02 4.15 30.82
N ALA F 144 40.61 3.70 29.70
CA ALA F 144 41.05 2.34 29.55
C ALA F 144 42.32 2.31 28.71
N LYS F 145 43.07 1.21 28.81
CA LYS F 145 44.32 1.05 28.10
C LYS F 145 44.32 -0.31 27.38
N VAL F 146 44.29 -0.24 26.04
CA VAL F 146 44.41 -1.41 25.18
C VAL F 146 45.87 -1.54 24.74
N GLN F 147 46.39 -2.76 24.79
CA GLN F 147 47.77 -2.98 24.38
C GLN F 147 47.84 -4.24 23.54
N TRP F 148 48.48 -4.13 22.37
CA TRP F 148 48.55 -5.22 21.41
C TRP F 148 49.84 -6.01 21.57
N LYS F 149 49.75 -7.30 21.23
CA LYS F 149 50.78 -8.29 21.49
C LYS F 149 50.67 -9.37 20.43
N VAL F 150 51.72 -9.49 19.62
CA VAL F 150 51.82 -10.55 18.63
C VAL F 150 52.96 -11.48 19.05
N ASP F 151 52.65 -12.73 19.40
CA ASP F 151 53.55 -13.52 20.24
C ASP F 151 53.80 -12.70 21.51
N ASN F 152 55.06 -12.62 21.96
CA ASN F 152 55.39 -11.97 23.23
C ASN F 152 55.56 -10.46 23.05
N ALA F 153 55.38 -9.95 21.82
CA ALA F 153 55.87 -8.63 21.48
C ALA F 153 54.76 -7.61 21.65
N LEU F 154 54.97 -6.69 22.61
CA LEU F 154 54.19 -5.47 22.68
C LEU F 154 54.40 -4.65 21.42
N GLN F 155 53.31 -4.46 20.68
CA GLN F 155 53.32 -3.62 19.50
C GLN F 155 53.11 -2.18 19.92
N SER F 156 54.11 -1.35 19.61
CA SER F 156 54.17 0.02 20.09
C SER F 156 54.03 0.98 18.91
N GLY F 157 52.85 1.59 18.77
CA GLY F 157 52.68 2.70 17.85
C GLY F 157 51.57 2.50 16.82
N ASN F 158 51.32 1.25 16.42
CA ASN F 158 50.54 0.95 15.23
C ASN F 158 49.07 0.63 15.58
N SER F 159 48.68 0.99 16.80
CA SER F 159 47.31 0.86 17.26
C SER F 159 46.66 2.23 17.23
N GLN F 160 45.34 2.27 17.00
CA GLN F 160 44.55 3.50 17.02
C GLN F 160 43.18 3.20 17.62
N GLU F 161 42.77 3.99 18.61
CA GLU F 161 41.49 3.74 19.26
C GLU F 161 40.53 4.89 19.00
N SER F 162 39.24 4.53 18.89
CA SER F 162 38.15 5.51 18.85
C SER F 162 37.07 5.10 19.84
N VAL F 163 36.39 6.10 20.43
CA VAL F 163 35.49 5.83 21.54
C VAL F 163 34.15 6.51 21.32
N THR F 164 33.08 5.74 21.52
CA THR F 164 31.75 6.28 21.34
C THR F 164 31.51 7.41 22.33
N GLU F 165 30.52 8.26 22.06
CA GLU F 165 30.02 9.14 23.11
C GLU F 165 29.14 8.34 24.06
N GLN F 166 28.80 8.93 25.21
CA GLN F 166 28.13 8.23 26.29
C GLN F 166 26.73 7.80 25.84
N ASP F 167 26.29 6.62 26.30
CA ASP F 167 24.98 6.09 25.96
C ASP F 167 23.90 6.97 26.58
N SER F 168 22.77 7.08 25.88
CA SER F 168 21.75 8.06 26.22
C SER F 168 20.94 7.63 27.45
N LYS F 169 20.87 6.32 27.69
CA LYS F 169 20.22 5.83 28.89
C LYS F 169 21.25 5.24 29.84
N ASP F 170 22.12 4.42 29.28
CA ASP F 170 22.97 3.49 30.01
C ASP F 170 24.25 4.20 30.48
N SER F 171 24.58 5.31 29.81
CA SER F 171 25.67 6.19 30.21
C SER F 171 27.00 5.44 30.22
N THR F 172 27.12 4.42 29.37
CA THR F 172 28.41 3.76 29.23
C THR F 172 29.14 4.28 27.99
N TYR F 173 30.42 3.92 27.92
CA TYR F 173 31.29 4.16 26.78
C TYR F 173 31.54 2.81 26.09
N SER F 174 31.82 2.85 24.78
CA SER F 174 32.30 1.70 24.01
C SER F 174 33.48 2.12 23.13
N LEU F 175 34.45 1.21 22.99
CA LEU F 175 35.71 1.57 22.37
C LEU F 175 36.17 0.46 21.41
N SER F 176 36.77 0.88 20.27
CA SER F 176 37.38 0.01 19.27
C SER F 176 38.83 0.42 19.04
N SER F 177 39.71 -0.58 18.99
CA SER F 177 41.13 -0.34 18.79
C SER F 177 41.64 -1.20 17.63
N THR F 178 42.40 -0.58 16.72
CA THR F 178 42.79 -1.24 15.49
C THR F 178 44.32 -1.31 15.36
N LEU F 179 44.85 -2.55 15.42
CA LEU F 179 46.25 -2.79 15.10
C LEU F 179 46.34 -3.07 13.60
N THR F 180 47.24 -2.33 12.93
CA THR F 180 47.45 -2.54 11.51
C THR F 180 48.82 -3.16 11.26
N LEU F 181 48.85 -4.10 10.32
CA LEU F 181 50.04 -4.85 9.96
C LEU F 181 50.06 -5.04 8.44
N SER F 182 51.27 -5.21 7.89
CA SER F 182 51.45 -5.73 6.54
C SER F 182 50.92 -7.16 6.50
N LYS F 183 50.40 -7.58 5.33
CA LYS F 183 49.96 -8.95 5.13
C LYS F 183 51.11 -9.91 5.46
N ALA F 184 52.34 -9.54 5.05
CA ALA F 184 53.54 -10.33 5.28
C ALA F 184 53.76 -10.53 6.77
N ASP F 185 53.86 -9.42 7.51
CA ASP F 185 54.08 -9.40 8.95
C ASP F 185 53.01 -10.22 9.66
N TYR F 186 51.75 -10.02 9.27
CA TYR F 186 50.63 -10.77 9.84
C TYR F 186 50.86 -12.27 9.67
N GLU F 187 51.20 -12.69 8.45
CA GLU F 187 51.37 -14.10 8.10
C GLU F 187 52.61 -14.68 8.78
N LYS F 188 53.49 -13.81 9.29
CA LYS F 188 54.68 -14.23 10.00
C LYS F 188 54.31 -14.96 11.30
N HIS F 189 53.34 -14.42 12.05
CA HIS F 189 53.01 -14.92 13.38
C HIS F 189 51.57 -15.43 13.48
N VAL F 191 50.22 -15.75 17.57
CA VAL F 191 48.83 -15.44 18.02
C VAL F 191 48.70 -13.94 18.26
N TYR F 192 47.48 -13.42 18.06
CA TYR F 192 47.20 -12.00 18.21
C TYR F 192 46.30 -11.76 19.42
N ALA F 193 46.64 -10.77 20.26
CA ALA F 193 45.94 -10.53 21.51
C ALA F 193 45.86 -9.03 21.81
N CYS F 194 44.81 -8.66 22.54
CA CYS F 194 44.63 -7.31 23.03
C CYS F 194 44.31 -7.38 24.51
N GLU F 195 45.08 -6.59 25.29
CA GLU F 195 45.10 -6.68 26.74
C GLU F 195 44.59 -5.37 27.33
N VAL F 196 43.42 -5.45 27.98
CA VAL F 196 42.67 -4.29 28.46
C VAL F 196 42.94 -4.08 29.95
N THR F 197 43.19 -2.82 30.33
CA THR F 197 43.38 -2.42 31.72
C THR F 197 42.38 -1.33 32.08
N HIS F 198 41.57 -1.57 33.11
CA HIS F 198 40.44 -0.71 33.43
C HIS F 198 40.09 -0.85 34.91
N GLN F 199 39.68 0.26 35.51
CA GLN F 199 39.42 0.30 36.94
C GLN F 199 38.38 -0.74 37.34
N GLY F 200 37.46 -1.09 36.43
CA GLY F 200 36.41 -2.07 36.69
C GLY F 200 36.87 -3.51 36.51
N LEU F 201 38.19 -3.73 36.48
CA LEU F 201 38.76 -5.06 36.34
C LEU F 201 39.74 -5.30 37.47
N SER F 202 39.57 -6.43 38.18
CA SER F 202 40.47 -6.88 39.22
C SER F 202 41.91 -6.89 38.72
N SER F 203 42.11 -7.50 37.54
CA SER F 203 43.41 -7.49 36.88
C SER F 203 43.23 -7.63 35.37
N PRO F 204 44.20 -7.15 34.54
CA PRO F 204 44.07 -7.10 33.08
C PRO F 204 43.49 -8.32 32.34
N VAL F 205 42.38 -8.11 31.61
CA VAL F 205 41.74 -9.11 30.77
C VAL F 205 42.39 -9.08 29.39
N THR F 206 42.56 -10.26 28.78
CA THR F 206 43.14 -10.44 27.45
C THR F 206 42.19 -11.25 26.57
N LYS F 207 42.17 -10.94 25.27
CA LYS F 207 41.43 -11.70 24.26
C LYS F 207 42.33 -11.95 23.05
N SER F 208 42.39 -13.20 22.58
CA SER F 208 43.27 -13.61 21.49
C SER F 208 42.78 -14.86 20.75
N PHE F 209 43.33 -15.06 19.54
CA PHE F 209 43.16 -16.30 18.78
C PHE F 209 44.53 -16.87 18.37
#